data_5UCD
#
_entry.id   5UCD
#
_cell.length_a   195.003
_cell.length_b   195.003
_cell.length_c   129.065
_cell.angle_alpha   90.000
_cell.angle_beta   90.000
_cell.angle_gamma   90.000
#
_symmetry.space_group_name_H-M   'I 41 2 2'
#
loop_
_entity.id
_entity.type
_entity.pdbx_description
1 polymer 'NAD(P)-dependent benzaldehyde dehydrogenase'
2 non-polymer 'NADP NICOTINAMIDE-ADENINE-DINUCLEOTIDE PHOSPHATE'
3 water water
#
_entity_poly.entity_id   1
_entity_poly.type   'polypeptide(L)'
_entity_poly.pdbx_seq_one_letter_code
;HHHHHHHHHHSSGHIDDDDKHMNYLSPAKIDSLFSAQKAYFATRATADVGFRKQSLERLKEAVINNKEALYSALAEDLGK
PKDVVDLAEIGAVLHEIDFALAHLDEWVAPVSVPSPDIIAPSECYVVQEPYGVTYIIGPFNYPVNLTLTPLIGAIIGGNT
CIIKPSETTPETSAVIEKIIAEAFAPEYVAVIQGGRDENSHLLSLPFDFIFFTGSPNVGKVVMQAAAKHLTPVVLELGGK
CPLIVLPDADLDQTVNQLMFGKFINSGQT(ZBZ)IAPDYLYVHYSVKDALLERLVERVKTELPEINSTGKLVTERQVQRL
VSLLEATQGQVLVGSQADVSKRALSATVVDGVEWNDPLMSEELFGPILPVLEFDSVRTAIDQVNKHHPKPLAVYVFGKDM
DVAKGIINQIQSGDAQVNGVMLHAFSPYLPFGGIGASGMGEYHGHFSYLTFTHKKSVRIVP
;
_entity_poly.pdbx_strand_id   A,B
#
# COMPACT_ATOMS: atom_id res chain seq x y z
N ASN A 23 20.93 15.35 -25.47
CA ASN A 23 20.74 15.71 -24.08
C ASN A 23 20.34 14.50 -23.23
N TYR A 24 19.05 14.15 -23.27
CA TYR A 24 18.53 13.06 -22.47
C TYR A 24 18.91 11.69 -23.04
N LEU A 25 19.07 10.71 -22.15
CA LEU A 25 19.37 9.34 -22.56
C LEU A 25 18.28 8.78 -23.47
N SER A 26 18.71 7.99 -24.44
CA SER A 26 17.79 7.33 -25.38
C SER A 26 17.07 6.19 -24.68
N PRO A 27 15.88 5.82 -25.19
CA PRO A 27 15.15 4.67 -24.66
C PRO A 27 15.99 3.40 -24.61
N ALA A 28 16.87 3.22 -25.59
CA ALA A 28 17.73 2.03 -25.64
C ALA A 28 18.69 1.96 -24.45
N LYS A 29 19.23 3.10 -24.04
CA LYS A 29 20.16 3.12 -22.92
C LYS A 29 19.41 3.13 -21.59
N ILE A 30 18.19 3.65 -21.61
CA ILE A 30 17.33 3.59 -20.43
C ILE A 30 17.01 2.12 -20.15
N ASP A 31 16.55 1.41 -21.17
CA ASP A 31 16.31 -0.02 -21.07
C ASP A 31 17.58 -0.74 -20.64
N SER A 32 18.71 -0.30 -21.20
CA SER A 32 20.01 -0.90 -20.88
C SER A 32 20.40 -0.63 -19.43
N LEU A 33 20.00 0.52 -18.92
CA LEU A 33 20.29 0.90 -17.55
C LEU A 33 19.39 0.13 -16.58
N PHE A 34 18.12 0.01 -16.96
CA PHE A 34 17.13 -0.71 -16.17
C PHE A 34 17.49 -2.18 -16.06
N SER A 35 17.92 -2.75 -17.18
CA SER A 35 18.28 -4.16 -17.24
C SER A 35 19.43 -4.49 -16.31
N ALA A 36 20.35 -3.55 -16.15
CA ALA A 36 21.55 -3.78 -15.35
C ALA A 36 21.26 -3.74 -13.86
N GLN A 37 20.26 -2.96 -13.46
CA GLN A 37 19.85 -2.91 -12.06
C GLN A 37 19.12 -4.20 -11.67
N LYS A 38 18.31 -4.72 -12.58
CA LYS A 38 17.66 -6.02 -12.39
C LYS A 38 18.70 -7.08 -12.10
N ALA A 39 19.71 -7.16 -12.96
CA ALA A 39 20.77 -8.15 -12.83
C ALA A 39 21.57 -7.95 -11.54
N TYR A 40 21.81 -6.69 -11.19
CA TYR A 40 22.58 -6.39 -9.98
C TYR A 40 21.80 -6.75 -8.73
N PHE A 41 20.49 -6.48 -8.71
CA PHE A 41 19.67 -6.87 -7.56
C PHE A 41 19.68 -8.39 -7.39
N ALA A 42 19.59 -9.10 -8.51
CA ALA A 42 19.57 -10.56 -8.52
C ALA A 42 20.84 -11.16 -7.93
N THR A 43 21.90 -10.36 -7.87
CA THR A 43 23.18 -10.77 -7.29
C THR A 43 23.07 -10.96 -5.78
N ARG A 44 22.02 -10.39 -5.20
CA ARG A 44 21.83 -10.31 -3.76
C ARG A 44 22.91 -9.46 -3.10
N ALA A 45 23.48 -8.53 -3.87
CA ALA A 45 24.51 -7.62 -3.39
C ALA A 45 23.99 -6.78 -2.23
N THR A 46 22.71 -6.42 -2.29
CA THR A 46 22.13 -5.49 -1.34
C THR A 46 21.62 -6.16 -0.08
N ALA A 47 21.88 -7.46 0.06
CA ALA A 47 21.32 -8.25 1.14
C ALA A 47 21.75 -7.78 2.54
N ASP A 48 23.05 -7.87 2.82
CA ASP A 48 23.55 -7.63 4.17
C ASP A 48 23.46 -6.17 4.59
N VAL A 49 23.19 -5.97 5.88
CA VAL A 49 22.94 -4.63 6.42
C VAL A 49 24.20 -3.76 6.36
N GLY A 50 25.38 -4.39 6.40
CA GLY A 50 26.63 -3.66 6.31
C GLY A 50 26.74 -2.89 5.02
N PHE A 51 26.36 -3.52 3.93
CA PHE A 51 26.35 -2.89 2.61
C PHE A 51 25.41 -1.69 2.60
N ARG A 52 24.26 -1.84 3.23
CA ARG A 52 23.26 -0.80 3.23
C ARG A 52 23.72 0.39 4.06
N LYS A 53 24.40 0.12 5.18
CA LYS A 53 24.91 1.19 6.03
C LYS A 53 25.99 2.00 5.32
N GLN A 54 26.89 1.32 4.62
CA GLN A 54 27.92 1.98 3.83
C GLN A 54 27.31 2.81 2.71
N SER A 55 26.21 2.32 2.14
CA SER A 55 25.55 3.03 1.06
C SER A 55 25.01 4.37 1.54
N LEU A 56 24.53 4.42 2.78
CA LEU A 56 24.02 5.66 3.34
C LEU A 56 25.16 6.62 3.65
N GLU A 57 26.26 6.08 4.16
CA GLU A 57 27.45 6.88 4.45
C GLU A 57 27.94 7.56 3.18
N ARG A 58 28.05 6.79 2.09
CA ARG A 58 28.48 7.35 0.82
C ARG A 58 27.52 8.43 0.34
N LEU A 59 26.23 8.23 0.61
CA LEU A 59 25.22 9.22 0.25
C LEU A 59 25.42 10.50 1.05
N LYS A 60 25.65 10.34 2.34
CA LYS A 60 25.82 11.47 3.24
C LYS A 60 27.03 12.31 2.85
N GLU A 61 28.15 11.65 2.61
CA GLU A 61 29.38 12.34 2.24
C GLU A 61 29.23 13.05 0.90
N ALA A 62 28.54 12.42 -0.05
CA ALA A 62 28.31 13.03 -1.35
C ALA A 62 27.46 14.29 -1.26
N VAL A 63 26.52 14.31 -0.32
CA VAL A 63 25.68 15.49 -0.10
C VAL A 63 26.51 16.60 0.53
N ILE A 64 27.20 16.26 1.61
CA ILE A 64 28.05 17.20 2.32
C ILE A 64 29.10 17.82 1.41
N ASN A 65 29.72 17.00 0.58
CA ASN A 65 30.75 17.46 -0.35
C ASN A 65 30.19 18.25 -1.52
N ASN A 66 28.91 18.61 -1.47
CA ASN A 66 28.28 19.31 -2.58
C ASN A 66 27.27 20.37 -2.16
N LYS A 67 27.30 20.76 -0.89
CA LYS A 67 26.35 21.75 -0.37
C LYS A 67 26.40 23.05 -1.16
N GLU A 68 27.60 23.53 -1.45
CA GLU A 68 27.77 24.82 -2.13
C GLU A 68 27.09 24.81 -3.49
N ALA A 69 27.23 23.70 -4.21
CA ALA A 69 26.61 23.56 -5.52
C ALA A 69 25.09 23.52 -5.38
N LEU A 70 24.62 22.97 -4.26
CA LEU A 70 23.19 22.88 -3.99
C LEU A 70 22.63 24.26 -3.65
N TYR A 71 23.35 25.01 -2.83
CA TYR A 71 22.98 26.38 -2.49
C TYR A 71 22.75 27.22 -3.75
N SER A 72 23.71 27.14 -4.66
CA SER A 72 23.67 27.89 -5.91
C SER A 72 22.50 27.47 -6.77
N ALA A 73 22.39 26.16 -7.01
CA ALA A 73 21.36 25.61 -7.85
C ALA A 73 19.97 25.95 -7.34
N LEU A 74 19.76 25.85 -6.04
CA LEU A 74 18.44 26.10 -5.45
C LEU A 74 18.10 27.58 -5.43
N ALA A 75 19.12 28.42 -5.27
CA ALA A 75 18.91 29.86 -5.34
C ALA A 75 18.55 30.26 -6.76
N GLU A 76 19.22 29.63 -7.72
CA GLU A 76 18.97 29.90 -9.12
C GLU A 76 17.57 29.46 -9.54
N ASP A 77 17.22 28.23 -9.19
CA ASP A 77 15.95 27.64 -9.63
C ASP A 77 14.73 28.24 -8.94
N LEU A 78 14.81 28.40 -7.62
CA LEU A 78 13.63 28.76 -6.85
C LEU A 78 13.84 29.97 -5.93
N GLY A 79 15.07 30.45 -5.84
CA GLY A 79 15.37 31.59 -5.00
C GLY A 79 15.41 31.24 -3.54
N LYS A 80 15.77 29.99 -3.24
CA LYS A 80 15.82 29.51 -1.87
C LYS A 80 17.01 30.11 -1.11
N PRO A 81 16.73 30.78 0.01
CA PRO A 81 17.75 31.24 0.94
C PRO A 81 18.57 30.08 1.46
N LYS A 82 19.81 30.35 1.87
CA LYS A 82 20.71 29.32 2.35
C LYS A 82 20.16 28.59 3.57
N ASP A 83 19.54 29.33 4.48
CA ASP A 83 19.02 28.75 5.71
C ASP A 83 17.79 27.88 5.50
N VAL A 84 17.07 28.13 4.41
CA VAL A 84 15.92 27.31 4.07
C VAL A 84 16.40 25.99 3.51
N VAL A 85 17.44 26.07 2.68
CA VAL A 85 18.09 24.89 2.13
C VAL A 85 18.70 24.06 3.26
N ASP A 86 19.25 24.74 4.26
CA ASP A 86 19.85 24.05 5.39
C ASP A 86 18.81 23.30 6.21
N LEU A 87 17.59 23.83 6.26
CA LEU A 87 16.54 23.22 7.06
C LEU A 87 15.72 22.17 6.31
N ALA A 88 15.12 22.56 5.19
CA ALA A 88 14.15 21.72 4.52
C ALA A 88 14.75 20.88 3.39
N GLU A 89 16.00 21.12 3.07
CA GLU A 89 16.63 20.35 1.99
C GLU A 89 17.79 19.52 2.49
N ILE A 90 18.96 20.12 2.62
CA ILE A 90 20.15 19.38 3.01
C ILE A 90 20.03 18.78 4.40
N GLY A 91 19.59 19.59 5.37
CA GLY A 91 19.50 19.13 6.74
C GLY A 91 18.45 18.06 6.93
N ALA A 92 17.40 18.11 6.13
CA ALA A 92 16.30 17.16 6.26
C ALA A 92 16.74 15.75 5.90
N VAL A 93 17.49 15.61 4.80
CA VAL A 93 17.95 14.27 4.42
C VAL A 93 19.13 13.84 5.28
N LEU A 94 19.93 14.79 5.75
CA LEU A 94 21.05 14.42 6.61
C LEU A 94 20.54 13.86 7.92
N HIS A 95 19.47 14.45 8.45
CA HIS A 95 18.90 13.99 9.72
C HIS A 95 18.29 12.60 9.56
N GLU A 96 17.66 12.34 8.42
CA GLU A 96 17.06 11.05 8.16
C GLU A 96 18.13 9.99 8.01
N ILE A 97 19.19 10.31 7.28
CA ILE A 97 20.31 9.40 7.12
C ILE A 97 20.88 8.99 8.47
N ASP A 98 21.09 9.96 9.35
CA ASP A 98 21.67 9.68 10.65
C ASP A 98 20.73 8.84 11.51
N PHE A 99 19.43 9.12 11.42
CA PHE A 99 18.43 8.36 12.17
C PHE A 99 18.39 6.91 11.70
N ALA A 100 18.45 6.73 10.38
CA ALA A 100 18.43 5.40 9.80
C ALA A 100 19.68 4.60 10.18
N LEU A 101 20.84 5.25 10.13
CA LEU A 101 22.10 4.60 10.49
C LEU A 101 22.13 4.16 11.95
N ALA A 102 21.49 4.94 12.80
CA ALA A 102 21.46 4.66 14.23
C ALA A 102 20.53 3.50 14.57
N HIS A 103 19.60 3.17 13.69
CA HIS A 103 18.57 2.20 14.04
C HIS A 103 18.55 0.98 13.14
N LEU A 104 19.17 1.06 11.97
CA LEU A 104 18.99 0.07 10.92
C LEU A 104 19.30 -1.36 11.36
N ASP A 105 20.27 -1.51 12.26
CA ASP A 105 20.64 -2.84 12.75
C ASP A 105 19.46 -3.51 13.46
N GLU A 106 18.73 -2.72 14.25
CA GLU A 106 17.57 -3.24 14.94
C GLU A 106 16.44 -3.53 13.95
N TRP A 107 16.27 -2.64 12.98
CA TRP A 107 15.19 -2.75 12.00
C TRP A 107 15.27 -4.01 11.13
N VAL A 108 16.47 -4.37 10.70
CA VAL A 108 16.63 -5.46 9.73
C VAL A 108 16.58 -6.84 10.38
N ALA A 109 16.59 -6.89 11.71
CA ALA A 109 16.56 -8.17 12.41
C ALA A 109 15.18 -8.80 12.34
N PRO A 110 15.11 -10.04 11.82
CA PRO A 110 13.85 -10.79 11.74
C PRO A 110 13.10 -10.80 13.06
N VAL A 111 11.79 -10.66 13.00
CA VAL A 111 10.96 -10.58 14.19
C VAL A 111 10.28 -11.91 14.45
N SER A 112 10.63 -12.54 15.57
CA SER A 112 9.95 -13.76 15.97
C SER A 112 8.55 -13.43 16.47
N VAL A 113 7.59 -14.29 16.16
CA VAL A 113 6.20 -14.06 16.55
C VAL A 113 5.66 -15.32 17.22
N PRO A 114 4.55 -15.18 17.98
CA PRO A 114 3.94 -16.35 18.62
C PRO A 114 3.36 -17.33 17.61
N SER A 115 3.21 -18.57 18.03
CA SER A 115 2.48 -19.56 17.24
C SER A 115 1.27 -20.05 18.02
N PRO A 116 0.07 -19.92 17.44
CA PRO A 116 -1.12 -20.47 18.10
C PRO A 116 -1.04 -22.00 18.18
N ASP A 117 -1.83 -22.58 19.07
CA ASP A 117 -1.80 -24.02 19.29
C ASP A 117 -2.25 -24.80 18.06
N ILE A 118 -3.08 -24.18 17.23
CA ILE A 118 -3.64 -24.84 16.06
C ILE A 118 -2.57 -25.20 15.02
N ILE A 119 -1.42 -24.54 15.08
CA ILE A 119 -0.33 -24.85 14.16
C ILE A 119 0.90 -25.38 14.89
N ALA A 120 0.75 -25.67 16.18
CA ALA A 120 1.83 -26.26 16.96
C ALA A 120 2.06 -27.70 16.51
N PRO A 121 3.33 -28.15 16.52
CA PRO A 121 4.50 -27.35 16.90
C PRO A 121 5.12 -26.62 15.71
N SER A 122 5.53 -25.38 15.92
CA SER A 122 6.26 -24.64 14.91
C SER A 122 6.88 -23.38 15.47
N GLU A 123 7.83 -22.82 14.72
CA GLU A 123 8.45 -21.56 15.04
C GLU A 123 8.18 -20.61 13.90
N CYS A 124 7.75 -19.40 14.23
CA CYS A 124 7.34 -18.44 13.21
C CYS A 124 8.06 -17.12 13.38
N TYR A 125 8.31 -16.44 12.28
CA TYR A 125 8.89 -15.10 12.32
C TYR A 125 8.55 -14.33 11.06
N VAL A 126 8.75 -13.03 11.11
CA VAL A 126 8.47 -12.18 9.97
C VAL A 126 9.76 -11.59 9.41
N VAL A 127 9.87 -11.63 8.09
CA VAL A 127 11.02 -11.07 7.40
C VAL A 127 10.57 -9.89 6.55
N GLN A 128 11.26 -8.77 6.67
CA GLN A 128 11.05 -7.65 5.77
C GLN A 128 11.96 -7.82 4.57
N GLU A 129 11.36 -8.07 3.41
CA GLU A 129 12.11 -8.44 2.22
C GLU A 129 12.03 -7.35 1.16
N PRO A 130 13.19 -6.98 0.57
CA PRO A 130 13.28 -5.96 -0.48
C PRO A 130 12.34 -6.23 -1.66
N TYR A 131 11.93 -5.17 -2.35
CA TYR A 131 11.09 -5.34 -3.53
C TYR A 131 11.92 -5.66 -4.76
N GLY A 132 13.00 -4.93 -4.95
CA GLY A 132 13.86 -5.13 -6.12
C GLY A 132 14.38 -3.83 -6.70
N VAL A 133 14.00 -3.54 -7.93
CA VAL A 133 14.38 -2.30 -8.59
C VAL A 133 13.27 -1.27 -8.42
N THR A 134 13.60 -0.14 -7.79
CA THR A 134 12.58 0.87 -7.53
C THR A 134 12.74 2.11 -8.41
N TYR A 135 11.68 2.90 -8.46
CA TYR A 135 11.65 4.09 -9.29
C TYR A 135 11.16 5.27 -8.46
N ILE A 136 11.95 6.34 -8.45
CA ILE A 136 11.60 7.52 -7.68
C ILE A 136 11.46 8.74 -8.57
N ILE A 137 10.27 9.31 -8.58
CA ILE A 137 9.97 10.50 -9.36
C ILE A 137 10.01 11.73 -8.46
N GLY A 138 10.83 12.70 -8.83
CA GLY A 138 10.98 13.89 -8.02
C GLY A 138 10.16 15.08 -8.49
N PRO A 139 9.59 15.82 -7.53
CA PRO A 139 8.83 17.05 -7.79
C PRO A 139 9.77 18.23 -7.90
N PHE A 140 9.26 19.39 -8.31
CA PHE A 140 10.13 20.55 -8.47
C PHE A 140 10.40 21.27 -7.16
N ASN A 141 9.40 21.31 -6.29
CA ASN A 141 9.37 22.29 -5.21
C ASN A 141 10.38 22.05 -4.08
N TYR A 142 10.70 20.79 -3.82
CA TYR A 142 11.74 20.46 -2.84
C TYR A 142 12.55 19.29 -3.38
N PRO A 143 13.30 19.55 -4.47
CA PRO A 143 13.88 18.49 -5.29
C PRO A 143 14.95 17.66 -4.59
N VAL A 144 15.58 18.20 -3.56
CA VAL A 144 16.61 17.44 -2.86
C VAL A 144 15.96 16.56 -1.78
N ASN A 145 15.10 17.17 -0.98
CA ASN A 145 14.39 16.45 0.06
C ASN A 145 13.60 15.29 -0.53
N LEU A 146 12.79 15.57 -1.53
CA LEU A 146 11.82 14.62 -2.02
C LEU A 146 12.37 13.70 -3.11
N THR A 147 13.69 13.58 -3.18
CA THR A 147 14.30 12.55 -4.02
C THR A 147 15.26 11.71 -3.20
N LEU A 148 15.96 12.34 -2.26
CA LEU A 148 16.98 11.66 -1.49
C LEU A 148 16.42 11.01 -0.23
N THR A 149 15.38 11.61 0.34
CA THR A 149 14.72 11.01 1.49
C THR A 149 13.99 9.72 1.09
N PRO A 150 13.26 9.71 -0.03
CA PRO A 150 12.74 8.40 -0.44
C PRO A 150 13.86 7.42 -0.75
N LEU A 151 14.94 7.91 -1.36
CA LEU A 151 16.06 7.06 -1.72
C LEU A 151 16.62 6.34 -0.52
N ILE A 152 16.68 7.03 0.61
CA ILE A 152 17.09 6.42 1.87
C ILE A 152 16.29 5.13 2.13
N GLY A 153 14.98 5.22 1.93
CA GLY A 153 14.11 4.07 2.11
C GLY A 153 14.43 2.97 1.14
N ALA A 154 14.61 3.32 -0.13
CA ALA A 154 15.01 2.38 -1.16
C ALA A 154 16.28 1.65 -0.76
N ILE A 155 17.23 2.39 -0.22
CA ILE A 155 18.51 1.83 0.16
C ILE A 155 18.39 0.90 1.36
N ILE A 156 17.77 1.39 2.43
CA ILE A 156 17.70 0.61 3.65
C ILE A 156 16.75 -0.58 3.51
N GLY A 157 15.91 -0.54 2.48
CA GLY A 157 15.03 -1.65 2.17
C GLY A 157 15.78 -2.76 1.46
N GLY A 158 16.92 -2.42 0.89
CA GLY A 158 17.75 -3.40 0.21
C GLY A 158 17.47 -3.44 -1.27
N ASN A 159 16.88 -2.37 -1.78
CA ASN A 159 16.54 -2.27 -3.20
C ASN A 159 17.62 -1.55 -3.99
N THR A 160 17.46 -1.54 -5.31
CA THR A 160 18.21 -0.63 -6.16
C THR A 160 17.27 0.51 -6.51
N CYS A 161 17.76 1.50 -7.23
CA CYS A 161 16.94 2.68 -7.48
C CYS A 161 17.31 3.49 -8.71
N ILE A 162 16.28 3.85 -9.47
CA ILE A 162 16.42 4.75 -10.58
C ILE A 162 15.65 6.02 -10.24
N ILE A 163 16.33 7.16 -10.29
CA ILE A 163 15.75 8.44 -9.89
C ILE A 163 15.60 9.40 -11.07
N LYS A 164 14.39 9.92 -11.23
CA LYS A 164 14.14 10.94 -12.25
C LYS A 164 13.71 12.25 -11.62
N PRO A 165 14.65 13.19 -11.45
CA PRO A 165 14.37 14.51 -10.87
C PRO A 165 13.48 15.33 -11.79
N SER A 166 12.82 16.34 -11.22
CA SER A 166 11.95 17.23 -11.97
C SER A 166 12.70 17.88 -13.14
N GLU A 167 12.04 17.99 -14.29
CA GLU A 167 12.66 18.66 -15.42
C GLU A 167 12.72 20.16 -15.20
N THR A 168 11.75 20.70 -14.47
CA THR A 168 11.58 22.14 -14.34
C THR A 168 12.56 22.82 -13.38
N THR A 169 13.51 22.08 -12.84
CA THR A 169 14.59 22.67 -12.04
C THR A 169 15.94 22.16 -12.50
N PRO A 170 16.40 22.62 -13.67
CA PRO A 170 17.59 22.14 -14.36
C PRO A 170 18.84 22.13 -13.50
N GLU A 171 19.04 23.21 -12.75
CA GLU A 171 20.26 23.37 -11.97
C GLU A 171 20.37 22.31 -10.88
N THR A 172 19.32 22.17 -10.08
CA THR A 172 19.37 21.24 -8.96
C THR A 172 19.37 19.79 -9.41
N SER A 173 18.56 19.47 -10.43
CA SER A 173 18.53 18.13 -10.98
C SER A 173 19.91 17.71 -11.45
N ALA A 174 20.65 18.67 -12.02
CA ALA A 174 22.01 18.39 -12.48
C ALA A 174 22.94 18.09 -11.31
N VAL A 175 22.71 18.74 -10.17
CA VAL A 175 23.54 18.50 -9.00
C VAL A 175 23.18 17.18 -8.33
N ILE A 176 21.90 16.85 -8.33
CA ILE A 176 21.45 15.56 -7.80
C ILE A 176 22.15 14.44 -8.54
N GLU A 177 22.15 14.53 -9.87
CA GLU A 177 22.84 13.55 -10.71
C GLU A 177 24.31 13.45 -10.34
N LYS A 178 24.93 14.59 -10.07
CA LYS A 178 26.33 14.62 -9.67
C LYS A 178 26.52 13.94 -8.32
N ILE A 179 25.64 14.25 -7.38
CA ILE A 179 25.71 13.65 -6.04
C ILE A 179 25.54 12.13 -6.11
N ILE A 180 24.58 11.67 -6.90
CA ILE A 180 24.30 10.24 -6.99
C ILE A 180 25.44 9.51 -7.72
N ALA A 181 25.96 10.10 -8.79
CA ALA A 181 27.06 9.50 -9.53
C ALA A 181 28.30 9.41 -8.66
N GLU A 182 28.50 10.41 -7.80
CA GLU A 182 29.64 10.44 -6.91
C GLU A 182 29.59 9.32 -5.88
N ALA A 183 28.39 8.99 -5.44
CA ALA A 183 28.21 8.02 -4.35
C ALA A 183 28.02 6.59 -4.85
N PHE A 184 27.38 6.41 -6.00
CA PHE A 184 26.96 5.07 -6.41
C PHE A 184 27.29 4.71 -7.85
N ALA A 185 27.63 3.43 -8.05
CA ALA A 185 27.68 2.85 -9.38
C ALA A 185 26.26 2.81 -9.95
N PRO A 186 26.13 3.05 -11.27
CA PRO A 186 24.80 3.13 -11.89
C PRO A 186 24.01 1.81 -11.88
N GLU A 187 24.65 0.71 -11.50
CA GLU A 187 23.95 -0.57 -11.44
C GLU A 187 23.19 -0.68 -10.13
N TYR A 188 23.50 0.23 -9.22
CA TYR A 188 22.87 0.28 -7.91
C TYR A 188 21.87 1.42 -7.84
N VAL A 189 22.39 2.64 -7.75
CA VAL A 189 21.54 3.83 -7.77
C VAL A 189 21.95 4.74 -8.93
N ALA A 190 20.98 5.16 -9.73
CA ALA A 190 21.27 5.94 -10.92
C ALA A 190 20.25 7.03 -11.13
N VAL A 191 20.70 8.19 -11.57
CA VAL A 191 19.79 9.28 -11.93
C VAL A 191 19.60 9.31 -13.44
N ILE A 192 18.35 9.41 -13.86
CA ILE A 192 18.05 9.62 -15.26
C ILE A 192 17.21 10.88 -15.41
N GLN A 193 17.84 11.96 -15.84
CA GLN A 193 17.11 13.18 -16.09
C GLN A 193 16.26 12.99 -17.33
N GLY A 194 15.17 13.74 -17.43
CA GLY A 194 14.28 13.60 -18.57
C GLY A 194 12.96 14.32 -18.38
N GLY A 195 12.18 14.35 -19.45
CA GLY A 195 10.87 14.98 -19.40
C GLY A 195 9.75 13.95 -19.46
N ARG A 196 8.61 14.35 -19.99
CA ARG A 196 7.44 13.50 -20.05
C ARG A 196 7.68 12.22 -20.85
N ASP A 197 8.45 12.33 -21.93
CA ASP A 197 8.71 11.18 -22.77
C ASP A 197 9.62 10.17 -22.07
N GLU A 198 10.61 10.66 -21.33
CA GLU A 198 11.50 9.80 -20.57
C GLU A 198 10.76 9.15 -19.41
N ASN A 199 9.81 9.89 -18.85
CA ASN A 199 9.05 9.42 -17.70
C ASN A 199 8.05 8.33 -18.07
N SER A 200 7.32 8.54 -19.16
CA SER A 200 6.33 7.59 -19.63
C SER A 200 7.00 6.29 -20.09
N HIS A 201 8.25 6.38 -20.51
CA HIS A 201 8.99 5.20 -20.93
C HIS A 201 9.50 4.43 -19.73
N LEU A 202 9.87 5.15 -18.67
CA LEU A 202 10.30 4.51 -17.43
C LEU A 202 9.12 3.84 -16.75
N LEU A 203 7.96 4.46 -16.84
CA LEU A 203 6.75 3.92 -16.22
C LEU A 203 6.23 2.68 -16.94
N SER A 204 6.84 2.37 -18.08
CA SER A 204 6.42 1.23 -18.88
C SER A 204 7.28 0.02 -18.58
N LEU A 205 8.33 0.24 -17.78
CA LEU A 205 9.25 -0.81 -17.42
C LEU A 205 8.75 -1.55 -16.18
N PRO A 206 9.09 -2.84 -16.05
CA PRO A 206 8.60 -3.64 -14.93
C PRO A 206 9.28 -3.35 -13.61
N PHE A 207 9.16 -2.12 -13.10
CA PHE A 207 9.68 -1.79 -11.78
C PHE A 207 9.01 -2.63 -10.70
N ASP A 208 9.70 -2.80 -9.58
CA ASP A 208 9.18 -3.60 -8.49
C ASP A 208 8.52 -2.72 -7.42
N PHE A 209 8.73 -1.41 -7.53
CA PHE A 209 8.14 -0.43 -6.63
C PHE A 209 8.31 0.97 -7.19
N ILE A 210 7.30 1.81 -7.05
CA ILE A 210 7.38 3.18 -7.54
C ILE A 210 6.98 4.18 -6.45
N PHE A 211 7.87 5.13 -6.18
CA PHE A 211 7.61 6.20 -5.24
C PHE A 211 7.39 7.49 -6.02
N PHE A 212 6.19 8.07 -5.89
CA PHE A 212 5.86 9.29 -6.61
C PHE A 212 5.47 10.44 -5.70
N THR A 213 6.07 11.59 -5.94
CA THR A 213 5.64 12.82 -5.32
C THR A 213 5.24 13.84 -6.40
N GLY A 214 4.02 14.35 -6.30
CA GLY A 214 3.54 15.29 -7.30
C GLY A 214 2.06 15.59 -7.18
N SER A 215 1.44 15.94 -8.30
CA SER A 215 0.03 16.32 -8.32
C SER A 215 -0.87 15.10 -8.50
N PRO A 216 -2.08 15.16 -7.94
CA PRO A 216 -3.12 14.13 -8.02
C PRO A 216 -3.37 13.60 -9.44
N ASN A 217 -3.50 14.49 -10.43
CA ASN A 217 -3.77 14.05 -11.79
C ASN A 217 -2.64 13.22 -12.39
N VAL A 218 -1.41 13.56 -12.03
CA VAL A 218 -0.26 12.81 -12.53
C VAL A 218 -0.11 11.52 -11.71
N GLY A 219 -0.61 11.54 -10.48
CA GLY A 219 -0.65 10.36 -9.66
C GLY A 219 -1.49 9.26 -10.29
N LYS A 220 -2.58 9.66 -10.94
CA LYS A 220 -3.43 8.72 -11.64
C LYS A 220 -2.70 8.09 -12.82
N VAL A 221 -1.90 8.89 -13.51
CA VAL A 221 -1.10 8.42 -14.63
C VAL A 221 -0.09 7.39 -14.17
N VAL A 222 0.58 7.70 -13.06
CA VAL A 222 1.58 6.80 -12.49
C VAL A 222 0.94 5.49 -12.04
N MET A 223 -0.21 5.58 -11.36
CA MET A 223 -0.84 4.38 -10.84
C MET A 223 -1.39 3.51 -11.97
N GLN A 224 -1.94 4.15 -12.99
CA GLN A 224 -2.49 3.42 -14.13
C GLN A 224 -1.40 2.61 -14.84
N ALA A 225 -0.20 3.17 -14.90
CA ALA A 225 0.93 2.51 -15.53
C ALA A 225 1.49 1.39 -14.66
N ALA A 226 1.48 1.61 -13.34
CA ALA A 226 1.99 0.61 -12.41
C ALA A 226 1.09 -0.62 -12.39
N ALA A 227 -0.19 -0.40 -12.66
CA ALA A 227 -1.18 -1.47 -12.69
C ALA A 227 -0.81 -2.54 -13.71
N LYS A 228 -0.25 -2.12 -14.84
CA LYS A 228 0.09 -3.03 -15.93
C LYS A 228 1.16 -4.04 -15.55
N HIS A 229 1.89 -3.75 -14.47
CA HIS A 229 2.93 -4.67 -13.99
C HIS A 229 2.74 -5.06 -12.54
N LEU A 230 1.55 -4.78 -11.99
CA LEU A 230 1.23 -5.08 -10.60
C LEU A 230 2.28 -4.50 -9.66
N THR A 231 2.66 -3.26 -9.94
CA THR A 231 3.72 -2.58 -9.20
C THR A 231 3.14 -1.78 -8.05
N PRO A 232 3.60 -2.06 -6.82
CA PRO A 232 3.11 -1.29 -5.68
C PRO A 232 3.60 0.14 -5.70
N VAL A 233 2.74 1.08 -5.31
CA VAL A 233 3.11 2.49 -5.34
C VAL A 233 2.91 3.18 -4.02
N VAL A 234 3.65 4.27 -3.83
CA VAL A 234 3.36 5.22 -2.79
C VAL A 234 3.18 6.57 -3.47
N LEU A 235 2.06 7.23 -3.20
CA LEU A 235 1.75 8.50 -3.85
C LEU A 235 1.68 9.61 -2.82
N GLU A 236 2.64 10.52 -2.89
CA GLU A 236 2.62 11.72 -2.06
C GLU A 236 2.07 12.86 -2.89
N LEU A 237 0.82 13.22 -2.66
CA LEU A 237 0.10 14.10 -3.57
C LEU A 237 -0.26 15.44 -2.95
N GLY A 238 -1.31 16.06 -3.47
CA GLY A 238 -1.64 17.43 -3.10
C GLY A 238 -3.00 17.65 -2.46
N GLY A 239 -3.50 18.88 -2.58
CA GLY A 239 -4.73 19.27 -1.93
C GLY A 239 -4.61 20.68 -1.38
N LYS A 240 -5.58 21.09 -0.59
CA LYS A 240 -5.55 22.42 0.01
C LYS A 240 -5.61 22.31 1.52
N CYS A 241 -4.46 22.49 2.15
CA CYS A 241 -4.39 22.41 3.61
C CYS A 241 -5.03 23.63 4.23
N PRO A 242 -6.01 23.41 5.09
CA PRO A 242 -6.61 24.54 5.80
C PRO A 242 -5.79 24.94 7.01
N LEU A 243 -5.77 26.23 7.33
CA LEU A 243 -5.30 26.67 8.63
C LEU A 243 -6.48 27.30 9.34
N ILE A 244 -7.00 26.60 10.34
CA ILE A 244 -8.22 26.98 11.02
C ILE A 244 -7.91 27.70 12.32
N VAL A 245 -8.50 28.89 12.49
CA VAL A 245 -8.21 29.72 13.65
C VAL A 245 -9.41 29.90 14.57
N LEU A 246 -9.27 29.44 15.81
CA LEU A 246 -10.31 29.52 16.80
C LEU A 246 -10.25 30.87 17.53
N PRO A 247 -11.34 31.25 18.23
CA PRO A 247 -11.39 32.55 18.92
C PRO A 247 -10.21 32.82 19.86
N ASP A 248 -9.81 31.83 20.66
CA ASP A 248 -8.82 32.07 21.70
C ASP A 248 -7.39 31.80 21.25
N ALA A 249 -7.18 31.79 19.95
CA ALA A 249 -5.86 31.54 19.39
C ALA A 249 -4.89 32.67 19.73
N ASP A 250 -3.61 32.34 19.80
CA ASP A 250 -2.55 33.34 19.92
C ASP A 250 -2.31 33.93 18.53
N LEU A 251 -2.67 35.19 18.36
CA LEU A 251 -2.56 35.82 17.04
C LEU A 251 -1.12 36.00 16.61
N ASP A 252 -0.23 36.24 17.57
CA ASP A 252 1.18 36.37 17.27
C ASP A 252 1.73 35.05 16.77
N GLN A 253 1.44 33.98 17.52
CA GLN A 253 1.81 32.62 17.11
C GLN A 253 1.23 32.29 15.74
N THR A 254 -0.05 32.58 15.55
CA THR A 254 -0.73 32.29 14.29
C THR A 254 -0.08 32.98 13.10
N VAL A 255 0.26 34.26 13.27
CA VAL A 255 0.86 35.04 12.19
C VAL A 255 2.27 34.58 11.87
N ASN A 256 3.03 34.27 12.92
CA ASN A 256 4.39 33.75 12.75
C ASN A 256 4.41 32.49 11.90
N GLN A 257 3.50 31.56 12.20
CA GLN A 257 3.46 30.28 11.53
C GLN A 257 2.96 30.42 10.10
N LEU A 258 1.99 31.32 9.90
CA LEU A 258 1.51 31.64 8.56
C LEU A 258 2.63 32.21 7.71
N MET A 259 3.37 33.15 8.28
CA MET A 259 4.49 33.79 7.58
C MET A 259 5.50 32.73 7.18
N PHE A 260 5.78 31.83 8.12
CA PHE A 260 6.73 30.75 7.88
C PHE A 260 6.17 29.75 6.88
N GLY A 261 4.97 29.23 7.14
CA GLY A 261 4.41 28.15 6.35
C GLY A 261 3.89 28.50 4.98
N LYS A 262 3.17 29.62 4.89
CA LYS A 262 2.50 29.99 3.64
C LYS A 262 3.45 30.54 2.60
N PHE A 263 4.43 31.34 3.02
CA PHE A 263 5.23 32.10 2.07
C PHE A 263 6.62 31.54 1.82
N ILE A 264 7.03 30.55 2.60
CA ILE A 264 8.29 29.86 2.32
C ILE A 264 8.21 29.27 0.91
N ASN A 265 9.30 29.39 0.16
CA ASN A 265 9.35 28.88 -1.21
C ASN A 265 8.19 29.37 -2.07
N SER A 266 7.73 30.60 -1.80
CA SER A 266 6.65 31.23 -2.55
C SER A 266 5.35 30.43 -2.50
N GLY A 267 5.12 29.72 -1.41
CA GLY A 267 3.89 28.96 -1.25
C GLY A 267 3.87 27.65 -2.01
N GLN A 268 5.01 27.31 -2.60
CA GLN A 268 5.11 26.08 -3.37
C GLN A 268 5.49 24.92 -2.45
N THR A 269 4.65 24.66 -1.46
CA THR A 269 4.90 23.62 -0.48
C THR A 269 3.63 22.81 -0.26
N ILE A 271 2.65 20.94 2.13
CA ILE A 271 2.04 21.05 3.46
C ILE A 271 1.89 22.49 3.91
N ALA A 272 1.98 23.42 2.97
CA ALA A 272 1.71 24.82 3.27
C ALA A 272 0.24 25.01 3.59
N PRO A 273 -0.07 25.94 4.50
CA PRO A 273 -1.47 26.36 4.64
C PRO A 273 -1.91 27.01 3.35
N ASP A 274 -2.80 26.35 2.62
CA ASP A 274 -3.24 26.88 1.33
C ASP A 274 -4.16 28.07 1.55
N TYR A 275 -5.12 27.92 2.45
CA TYR A 275 -6.05 28.99 2.74
C TYR A 275 -6.23 29.15 4.24
N LEU A 276 -6.66 30.34 4.63
CA LEU A 276 -6.90 30.65 6.03
C LEU A 276 -8.40 30.62 6.29
N TYR A 277 -8.79 29.96 7.38
CA TYR A 277 -10.20 29.77 7.72
C TYR A 277 -10.40 30.16 9.17
N VAL A 278 -10.92 31.36 9.41
CA VAL A 278 -10.87 31.94 10.74
C VAL A 278 -12.24 32.32 11.26
N HIS A 279 -12.47 32.08 12.55
CA HIS A 279 -13.70 32.46 13.24
C HIS A 279 -13.97 33.94 13.08
N TYR A 280 -15.24 34.32 12.97
CA TYR A 280 -15.60 35.70 12.63
C TYR A 280 -15.19 36.69 13.71
N SER A 281 -15.16 36.23 14.95
CA SER A 281 -14.92 37.13 16.08
C SER A 281 -13.47 37.59 16.24
N VAL A 282 -12.56 37.00 15.47
CA VAL A 282 -11.15 37.38 15.57
C VAL A 282 -10.55 37.61 14.22
N LYS A 283 -11.38 37.52 13.18
CA LYS A 283 -10.90 37.69 11.82
C LYS A 283 -10.28 39.07 11.58
N ASP A 284 -10.91 40.11 12.09
CA ASP A 284 -10.42 41.47 11.86
C ASP A 284 -9.09 41.70 12.57
N ALA A 285 -9.03 41.33 13.84
CA ALA A 285 -7.80 41.45 14.63
C ALA A 285 -6.66 40.66 14.01
N LEU A 286 -6.95 39.44 13.56
CA LEU A 286 -5.92 38.60 12.96
C LEU A 286 -5.44 39.17 11.64
N LEU A 287 -6.36 39.69 10.85
CA LEU A 287 -6.00 40.23 9.54
C LEU A 287 -5.22 41.53 9.64
N GLU A 288 -5.47 42.32 10.68
CA GLU A 288 -4.68 43.54 10.88
C GLU A 288 -3.24 43.15 11.20
N ARG A 289 -3.06 42.16 12.06
CA ARG A 289 -1.73 41.69 12.44
C ARG A 289 -1.02 41.07 11.25
N LEU A 290 -1.75 40.25 10.49
CA LEU A 290 -1.18 39.53 9.37
C LEU A 290 -0.76 40.44 8.23
N VAL A 291 -1.66 41.31 7.81
CA VAL A 291 -1.39 42.20 6.69
C VAL A 291 -0.22 43.13 6.98
N GLU A 292 -0.17 43.68 8.19
CA GLU A 292 0.94 44.54 8.59
C GLU A 292 2.27 43.81 8.49
N ARG A 293 2.29 42.56 8.95
CA ARG A 293 3.51 41.76 8.93
C ARG A 293 3.94 41.47 7.51
N VAL A 294 2.96 41.23 6.63
CA VAL A 294 3.27 40.91 5.24
C VAL A 294 3.85 42.12 4.50
N LYS A 295 3.21 43.27 4.60
CA LYS A 295 3.63 44.45 3.83
C LYS A 295 5.00 44.98 4.28
N THR A 296 5.42 44.63 5.50
CA THR A 296 6.73 45.05 6.01
C THR A 296 7.81 43.99 5.82
N GLU A 297 7.52 42.74 6.18
CA GLU A 297 8.51 41.67 6.09
C GLU A 297 8.65 41.13 4.67
N LEU A 298 7.59 41.30 3.88
CA LEU A 298 7.58 40.84 2.49
C LEU A 298 7.17 41.97 1.55
N PRO A 299 8.03 42.99 1.40
CA PRO A 299 7.69 44.21 0.66
C PRO A 299 7.96 44.13 -0.83
N GLU A 300 8.99 43.38 -1.22
CA GLU A 300 9.41 43.36 -2.62
C GLU A 300 8.65 42.33 -3.44
N ILE A 301 8.77 42.46 -4.77
CA ILE A 301 8.06 41.61 -5.71
C ILE A 301 8.56 40.17 -5.63
N ASN A 302 9.77 39.99 -5.12
CA ASN A 302 10.38 38.66 -5.06
C ASN A 302 10.88 38.34 -3.66
N SER A 303 10.17 38.84 -2.66
CA SER A 303 10.53 38.58 -1.27
C SER A 303 10.40 37.10 -0.91
N THR A 304 9.39 36.42 -1.47
CA THR A 304 9.13 35.03 -1.13
C THR A 304 10.03 34.07 -1.88
N GLY A 305 10.60 34.53 -2.98
CA GLY A 305 11.44 33.69 -3.81
C GLY A 305 10.93 33.64 -5.23
N LYS A 306 11.35 32.62 -5.98
CA LYS A 306 10.93 32.48 -7.37
C LYS A 306 9.93 31.35 -7.57
N LEU A 307 8.88 31.64 -8.33
CA LEU A 307 7.99 30.59 -8.82
C LEU A 307 8.76 29.79 -9.86
N VAL A 308 8.37 28.54 -10.07
CA VAL A 308 9.20 27.61 -10.84
C VAL A 308 9.27 27.98 -12.32
N THR A 309 8.14 28.42 -12.89
CA THR A 309 8.11 28.84 -14.29
C THR A 309 7.37 30.16 -14.43
N GLU A 310 7.55 30.81 -15.57
CA GLU A 310 6.83 32.03 -15.86
C GLU A 310 5.35 31.71 -16.05
N ARG A 311 5.10 30.52 -16.61
CA ARG A 311 3.73 30.07 -16.89
C ARG A 311 2.90 29.97 -15.61
N GLN A 312 3.58 29.65 -14.51
CA GLN A 312 2.91 29.57 -13.21
C GLN A 312 2.40 30.93 -12.76
N VAL A 313 3.26 31.94 -12.84
CA VAL A 313 2.91 33.31 -12.49
C VAL A 313 1.61 33.72 -13.17
N GLN A 314 1.56 33.52 -14.49
CA GLN A 314 0.40 33.87 -15.30
C GLN A 314 -0.86 33.23 -14.77
N ARG A 315 -0.76 31.98 -14.33
CA ARG A 315 -1.89 31.25 -13.76
C ARG A 315 -2.40 31.92 -12.49
N LEU A 316 -1.48 32.27 -11.60
CA LEU A 316 -1.85 32.90 -10.33
C LEU A 316 -2.52 34.26 -10.55
N VAL A 317 -1.94 35.05 -11.45
CA VAL A 317 -2.47 36.38 -11.74
C VAL A 317 -3.93 36.28 -12.22
N SER A 318 -4.17 35.37 -13.15
CA SER A 318 -5.50 35.18 -13.72
C SER A 318 -6.54 34.91 -12.63
N LEU A 319 -6.13 34.15 -11.61
CA LEU A 319 -7.00 33.84 -10.51
C LEU A 319 -7.38 35.10 -9.74
N LEU A 320 -6.40 35.99 -9.55
CA LEU A 320 -6.63 37.24 -8.85
C LEU A 320 -7.58 38.13 -9.63
N GLU A 321 -7.52 38.05 -10.96
CA GLU A 321 -8.44 38.78 -11.82
C GLU A 321 -9.89 38.37 -11.57
N ALA A 322 -10.09 37.08 -11.31
CA ALA A 322 -11.43 36.50 -11.26
C ALA A 322 -12.02 36.46 -9.86
N THR A 323 -11.23 36.89 -8.87
CA THR A 323 -11.62 36.77 -7.48
C THR A 323 -12.76 37.72 -7.10
N GLN A 324 -13.73 37.21 -6.34
CA GLN A 324 -14.81 38.05 -5.83
C GLN A 324 -14.41 38.64 -4.48
N GLY A 325 -13.18 38.38 -4.08
CA GLY A 325 -12.68 38.82 -2.79
C GLY A 325 -11.81 40.06 -2.88
N GLN A 326 -11.62 40.71 -1.74
CA GLN A 326 -10.89 41.97 -1.67
C GLN A 326 -9.42 41.76 -1.33
N VAL A 327 -8.54 42.18 -2.24
CA VAL A 327 -7.09 42.14 -2.00
C VAL A 327 -6.71 43.11 -0.87
N LEU A 328 -5.78 42.69 0.00
CA LEU A 328 -5.41 43.51 1.14
C LEU A 328 -3.95 43.92 1.11
N VAL A 329 -3.17 43.20 0.32
CA VAL A 329 -1.73 43.44 0.22
C VAL A 329 -1.18 42.65 -0.96
N GLY A 330 -0.13 43.16 -1.58
CA GLY A 330 0.55 42.45 -2.64
C GLY A 330 -0.07 42.64 -4.00
N SER A 331 -0.56 41.54 -4.57
CA SER A 331 -1.22 41.52 -5.88
C SER A 331 -0.27 41.82 -7.04
N GLN A 332 0.61 42.81 -6.84
CA GLN A 332 1.62 43.16 -7.84
C GLN A 332 2.47 41.94 -8.20
N ALA A 333 2.77 41.78 -9.48
CA ALA A 333 3.51 40.62 -9.95
C ALA A 333 4.36 40.90 -11.17
N ASP A 334 5.41 40.11 -11.37
CA ASP A 334 6.30 40.26 -12.52
C ASP A 334 6.61 38.91 -13.15
N VAL A 335 5.85 38.57 -14.18
CA VAL A 335 5.98 37.30 -14.89
C VAL A 335 7.40 37.07 -15.41
N SER A 336 8.07 38.15 -15.76
CA SER A 336 9.41 38.08 -16.34
C SER A 336 10.44 37.46 -15.41
N LYS A 337 10.36 37.80 -14.12
CA LYS A 337 11.35 37.35 -13.17
C LYS A 337 10.77 36.29 -12.24
N ARG A 338 9.73 35.62 -12.71
CA ARG A 338 9.10 34.51 -12.00
C ARG A 338 8.76 34.89 -10.57
N ALA A 339 8.05 36.01 -10.40
CA ALA A 339 7.81 36.53 -9.06
C ALA A 339 6.38 37.02 -8.87
N LEU A 340 5.89 36.91 -7.64
CA LEU A 340 4.59 37.41 -7.27
C LEU A 340 4.62 37.81 -5.80
N SER A 341 4.04 38.97 -5.50
CA SER A 341 4.11 39.51 -4.15
C SER A 341 3.18 38.76 -3.20
N ALA A 342 3.66 38.56 -1.99
CA ALA A 342 2.85 37.95 -0.93
C ALA A 342 1.48 38.62 -0.87
N THR A 343 0.44 37.83 -1.15
CA THR A 343 -0.90 38.38 -1.30
C THR A 343 -1.90 37.75 -0.33
N VAL A 344 -2.69 38.60 0.31
CA VAL A 344 -3.77 38.14 1.15
C VAL A 344 -5.10 38.62 0.58
N VAL A 345 -6.01 37.69 0.32
CA VAL A 345 -7.30 38.04 -0.26
C VAL A 345 -8.43 37.78 0.73
N ASP A 346 -9.18 38.82 1.06
CA ASP A 346 -10.21 38.75 2.07
C ASP A 346 -11.59 38.53 1.47
N GLY A 347 -12.55 38.18 2.31
CA GLY A 347 -13.95 38.08 1.91
C GLY A 347 -14.15 37.04 0.83
N VAL A 348 -13.57 35.87 1.04
CA VAL A 348 -13.63 34.81 0.05
C VAL A 348 -14.66 33.75 0.46
N GLU A 349 -15.43 33.28 -0.51
CA GLU A 349 -16.35 32.18 -0.30
C GLU A 349 -15.82 30.95 -1.01
N TRP A 350 -16.38 29.79 -0.72
CA TRP A 350 -15.93 28.55 -1.36
C TRP A 350 -16.16 28.59 -2.86
N ASN A 351 -17.11 29.41 -3.29
CA ASN A 351 -17.38 29.67 -4.71
C ASN A 351 -16.16 30.14 -5.48
N ASP A 352 -15.33 30.93 -4.81
CA ASP A 352 -14.28 31.72 -5.44
C ASP A 352 -13.28 30.91 -6.27
N PRO A 353 -12.79 31.51 -7.37
CA PRO A 353 -11.73 30.96 -8.20
C PRO A 353 -10.41 30.72 -7.46
N LEU A 354 -10.33 31.19 -6.22
CA LEU A 354 -9.15 30.95 -5.40
C LEU A 354 -9.33 29.70 -4.54
N MET A 355 -10.54 29.16 -4.54
CA MET A 355 -10.83 27.97 -3.76
C MET A 355 -11.21 26.79 -4.65
N SER A 356 -10.60 26.72 -5.82
CA SER A 356 -10.89 25.66 -6.77
C SER A 356 -9.76 24.65 -6.87
N GLU A 357 -8.59 25.12 -7.28
CA GLU A 357 -7.41 24.29 -7.44
C GLU A 357 -6.49 24.44 -6.24
N GLU A 358 -5.39 23.70 -6.26
CA GLU A 358 -4.30 23.97 -5.33
C GLU A 358 -3.52 25.17 -5.83
N LEU A 359 -3.48 26.22 -5.02
CA LEU A 359 -2.83 27.48 -5.41
C LEU A 359 -1.35 27.30 -5.72
N PHE A 360 -0.62 26.76 -4.76
CA PHE A 360 0.83 26.57 -4.89
C PHE A 360 1.52 27.87 -5.25
N GLY A 361 1.08 28.95 -4.61
CA GLY A 361 1.62 30.28 -4.84
C GLY A 361 1.47 31.16 -3.61
N PRO A 362 2.00 32.38 -3.68
CA PRO A 362 2.04 33.35 -2.57
C PRO A 362 0.69 34.00 -2.24
N ILE A 363 -0.41 33.29 -2.48
CA ILE A 363 -1.72 33.87 -2.23
C ILE A 363 -2.40 33.20 -1.06
N LEU A 364 -2.88 34.01 -0.11
CA LEU A 364 -3.59 33.50 1.04
C LEU A 364 -5.03 33.98 1.06
N PRO A 365 -5.95 33.18 0.51
CA PRO A 365 -7.38 33.48 0.61
C PRO A 365 -7.82 33.36 2.05
N VAL A 366 -8.79 34.18 2.46
CA VAL A 366 -9.27 34.14 3.83
C VAL A 366 -10.78 33.94 3.86
N LEU A 367 -11.22 32.88 4.53
CA LEU A 367 -12.64 32.59 4.66
C LEU A 367 -13.01 32.66 6.13
N GLU A 368 -14.31 32.59 6.44
CA GLU A 368 -14.73 32.74 7.81
C GLU A 368 -15.91 31.84 8.18
N PHE A 369 -16.02 31.53 9.47
CA PHE A 369 -17.09 30.66 9.95
C PHE A 369 -17.67 31.18 11.26
N ASP A 370 -18.84 30.65 11.63
CA ASP A 370 -19.59 31.13 12.79
C ASP A 370 -19.55 30.17 13.95
N SER A 371 -19.21 28.92 13.67
CA SER A 371 -19.09 27.90 14.71
C SER A 371 -18.17 26.79 14.26
N VAL A 372 -17.64 26.06 15.24
CA VAL A 372 -16.77 24.92 14.96
C VAL A 372 -17.48 23.91 14.09
N ARG A 373 -18.72 23.61 14.46
CA ARG A 373 -19.55 22.63 13.76
C ARG A 373 -19.60 22.89 12.26
N THR A 374 -19.84 24.15 11.87
CA THR A 374 -19.94 24.49 10.47
C THR A 374 -18.58 24.47 9.78
N ALA A 375 -17.53 24.84 10.52
CA ALA A 375 -16.18 24.85 9.97
C ALA A 375 -15.74 23.45 9.56
N ILE A 376 -15.91 22.50 10.46
CA ILE A 376 -15.61 21.10 10.17
C ILE A 376 -16.36 20.59 8.95
N ASP A 377 -17.66 20.86 8.90
CA ASP A 377 -18.51 20.33 7.84
C ASP A 377 -18.19 20.93 6.48
N GLN A 378 -17.76 22.19 6.49
CA GLN A 378 -17.48 22.90 5.24
C GLN A 378 -16.15 22.50 4.62
N VAL A 379 -15.18 22.18 5.46
CA VAL A 379 -13.89 21.70 4.98
C VAL A 379 -14.07 20.33 4.35
N ASN A 380 -14.77 19.45 5.08
CA ASN A 380 -15.05 18.11 4.58
C ASN A 380 -15.85 18.13 3.29
N LYS A 381 -16.79 19.06 3.19
CA LYS A 381 -17.65 19.19 2.03
C LYS A 381 -16.90 19.65 0.78
N HIS A 382 -16.07 20.68 0.92
CA HIS A 382 -15.48 21.34 -0.23
C HIS A 382 -14.08 20.85 -0.58
N HIS A 383 -13.26 20.63 0.43
CA HIS A 383 -11.90 20.14 0.17
C HIS A 383 -11.47 19.12 1.21
N PRO A 384 -12.02 17.90 1.12
CA PRO A 384 -11.73 16.85 2.09
C PRO A 384 -10.34 16.25 1.89
N LYS A 385 -9.87 15.52 2.88
CA LYS A 385 -8.60 14.79 2.81
C LYS A 385 -7.42 15.60 2.30
N PRO A 386 -7.15 16.78 2.89
CA PRO A 386 -5.93 17.45 2.46
C PRO A 386 -4.72 16.78 3.09
N LEU A 387 -3.53 17.09 2.60
CA LEU A 387 -2.31 16.49 3.11
C LEU A 387 -2.11 16.78 4.59
N ALA A 388 -2.51 17.99 5.02
CA ALA A 388 -2.42 18.33 6.44
C ALA A 388 -3.56 19.25 6.85
N VAL A 389 -4.00 19.10 8.09
CA VAL A 389 -4.94 20.04 8.69
C VAL A 389 -4.26 20.75 9.86
N TYR A 390 -4.31 22.07 9.86
CA TYR A 390 -3.74 22.85 10.95
C TYR A 390 -4.83 23.58 11.74
N VAL A 391 -4.75 23.52 13.06
CA VAL A 391 -5.70 24.19 13.92
C VAL A 391 -4.99 25.04 14.96
N PHE A 392 -5.36 26.31 15.06
CA PHE A 392 -4.76 27.21 16.03
C PHE A 392 -5.79 27.66 17.07
N GLY A 393 -5.48 27.40 18.34
CA GLY A 393 -6.36 27.69 19.44
C GLY A 393 -5.76 27.13 20.72
N LYS A 394 -6.28 27.53 21.88
CA LYS A 394 -5.70 27.10 23.14
C LYS A 394 -6.57 26.08 23.88
N ASP A 395 -7.71 25.73 23.29
CA ASP A 395 -8.54 24.68 23.84
C ASP A 395 -8.22 23.39 23.09
N MET A 396 -7.44 22.52 23.73
CA MET A 396 -6.96 21.31 23.07
C MET A 396 -8.09 20.35 22.71
N ASP A 397 -9.02 20.12 23.63
CA ASP A 397 -10.14 19.21 23.38
C ASP A 397 -10.95 19.64 22.17
N VAL A 398 -11.07 20.95 21.98
CA VAL A 398 -11.74 21.51 20.82
C VAL A 398 -10.89 21.36 19.56
N ALA A 399 -9.60 21.68 19.69
CA ALA A 399 -8.68 21.59 18.57
C ALA A 399 -8.53 20.14 18.08
N LYS A 400 -8.40 19.21 19.03
CA LYS A 400 -8.29 17.81 18.67
C LYS A 400 -9.61 17.33 18.10
N GLY A 401 -10.71 17.79 18.69
CA GLY A 401 -12.05 17.45 18.22
C GLY A 401 -12.21 17.76 16.74
N ILE A 402 -11.67 18.88 16.30
CA ILE A 402 -11.70 19.26 14.90
C ILE A 402 -10.89 18.27 14.07
N ILE A 403 -9.66 18.02 14.51
CA ILE A 403 -8.76 17.12 13.82
C ILE A 403 -9.37 15.72 13.69
N ASN A 404 -10.03 15.25 14.74
CA ASN A 404 -10.64 13.93 14.73
C ASN A 404 -11.83 13.83 13.78
N GLN A 405 -12.34 14.97 13.31
CA GLN A 405 -13.54 14.97 12.48
C GLN A 405 -13.26 15.41 11.05
N ILE A 406 -11.98 15.64 10.75
CA ILE A 406 -11.57 15.94 9.39
C ILE A 406 -10.45 14.99 8.97
N GLN A 407 -10.75 14.08 8.04
CA GLN A 407 -9.74 13.18 7.51
C GLN A 407 -8.64 13.96 6.81
N SER A 408 -7.39 13.65 7.14
CA SER A 408 -6.24 14.27 6.50
C SER A 408 -5.03 13.38 6.68
N GLY A 409 -4.01 13.61 5.87
CA GLY A 409 -2.79 12.83 5.94
C GLY A 409 -2.11 12.94 7.29
N ASP A 410 -1.97 14.17 7.76
CA ASP A 410 -1.40 14.46 9.07
C ASP A 410 -2.08 15.71 9.64
N ALA A 411 -1.73 16.09 10.86
CA ALA A 411 -2.38 17.26 11.47
C ALA A 411 -1.56 17.88 12.58
N GLN A 412 -1.75 19.19 12.78
CA GLN A 412 -1.07 19.93 13.84
C GLN A 412 -2.01 20.86 14.59
N VAL A 413 -1.71 21.09 15.86
CA VAL A 413 -2.35 22.14 16.64
C VAL A 413 -1.30 23.22 16.99
N ASN A 414 -1.57 24.45 16.57
CA ASN A 414 -0.71 25.62 16.85
C ASN A 414 0.67 25.54 16.22
N GLY A 415 0.79 24.87 15.09
CA GLY A 415 2.05 24.80 14.37
C GLY A 415 1.83 24.34 12.95
N VAL A 416 2.84 24.51 12.10
CA VAL A 416 2.74 24.09 10.71
C VAL A 416 4.02 23.41 10.23
N MET A 417 3.88 22.50 9.27
CA MET A 417 4.99 21.98 8.47
C MET A 417 6.01 21.07 9.18
N LEU A 418 6.35 21.38 10.43
CA LEU A 418 7.49 20.73 11.08
C LEU A 418 7.31 19.23 11.38
N HIS A 419 6.08 18.73 11.28
CA HIS A 419 5.85 17.31 11.52
C HIS A 419 6.60 16.47 10.49
N ALA A 420 6.80 17.03 9.30
CA ALA A 420 7.53 16.37 8.24
C ALA A 420 9.04 16.28 8.52
N PHE A 421 9.49 16.85 9.62
CA PHE A 421 10.91 16.83 9.94
C PHE A 421 11.22 15.98 11.17
N SER A 422 10.27 15.14 11.54
CA SER A 422 10.51 14.17 12.61
C SER A 422 10.48 12.76 12.06
N PRO A 423 11.58 12.03 12.26
CA PRO A 423 11.71 10.64 11.81
C PRO A 423 10.80 9.70 12.58
N TYR A 424 10.28 10.16 13.72
CA TYR A 424 9.35 9.35 14.51
C TYR A 424 7.94 9.43 13.97
N LEU A 425 7.70 10.29 12.98
CA LEU A 425 6.36 10.47 12.46
C LEU A 425 6.20 10.03 11.02
N PRO A 426 5.21 9.16 10.76
CA PRO A 426 4.92 8.77 9.38
C PRO A 426 4.38 9.96 8.61
N PHE A 427 4.83 10.13 7.37
CA PHE A 427 4.43 11.28 6.57
C PHE A 427 3.77 10.79 5.30
N GLY A 428 2.50 11.15 5.13
CA GLY A 428 1.78 10.73 3.95
C GLY A 428 0.33 11.15 4.00
N GLY A 429 -0.32 11.10 2.84
CA GLY A 429 -1.69 11.58 2.73
C GLY A 429 -2.75 10.51 2.80
N ILE A 430 -3.96 10.91 2.43
CA ILE A 430 -5.11 10.02 2.32
C ILE A 430 -5.95 10.51 1.16
N GLY A 431 -6.47 9.59 0.36
CA GLY A 431 -7.28 9.94 -0.78
C GLY A 431 -6.51 10.80 -1.78
N ALA A 432 -7.11 11.93 -2.16
CA ALA A 432 -6.52 12.83 -3.14
C ALA A 432 -5.15 13.35 -2.70
N SER A 433 -4.91 13.43 -1.40
CA SER A 433 -3.61 13.86 -0.92
C SER A 433 -2.59 12.72 -0.93
N GLY A 434 -3.04 11.50 -1.26
CA GLY A 434 -2.13 10.41 -1.50
C GLY A 434 -2.37 9.09 -0.78
N MET A 435 -1.47 8.14 -1.03
CA MET A 435 -1.50 6.84 -0.36
C MET A 435 -0.09 6.44 0.07
N GLY A 436 0.05 5.90 1.27
CA GLY A 436 1.34 5.46 1.76
C GLY A 436 2.04 6.49 2.64
N GLU A 437 2.96 6.00 3.48
CA GLU A 437 3.72 6.88 4.36
C GLU A 437 5.20 6.50 4.37
N TYR A 438 6.05 7.46 4.72
CA TYR A 438 7.47 7.17 4.91
C TYR A 438 8.08 8.10 5.96
N HIS A 439 9.42 8.13 6.00
CA HIS A 439 10.26 8.74 7.05
C HIS A 439 10.56 7.73 8.15
N GLY A 440 11.79 7.78 8.66
CA GLY A 440 12.19 6.93 9.76
C GLY A 440 11.99 5.45 9.48
N HIS A 441 11.54 4.72 10.50
CA HIS A 441 11.25 3.31 10.37
C HIS A 441 10.21 3.03 9.27
N PHE A 442 9.31 3.99 9.06
CA PHE A 442 8.24 3.79 8.10
C PHE A 442 8.76 3.70 6.67
N SER A 443 9.90 4.33 6.40
CA SER A 443 10.54 4.20 5.09
C SER A 443 11.04 2.79 4.86
N TYR A 444 11.57 2.17 5.91
CA TYR A 444 12.03 0.80 5.84
C TYR A 444 10.86 -0.15 5.57
N LEU A 445 9.75 0.08 6.27
CA LEU A 445 8.56 -0.75 6.16
C LEU A 445 7.85 -0.57 4.83
N THR A 446 7.96 0.62 4.27
CA THR A 446 7.32 0.94 3.01
C THR A 446 8.08 0.35 1.83
N PHE A 447 9.41 0.34 1.92
CA PHE A 447 10.22 -0.16 0.83
C PHE A 447 10.55 -1.65 0.96
N THR A 448 9.85 -2.34 1.87
CA THR A 448 9.93 -3.79 1.95
C THR A 448 8.54 -4.40 2.05
N HIS A 449 8.44 -5.70 1.89
CA HIS A 449 7.17 -6.37 2.12
C HIS A 449 7.34 -7.37 3.25
N LYS A 450 6.23 -7.69 3.92
CA LYS A 450 6.26 -8.61 5.04
C LYS A 450 6.15 -10.06 4.57
N LYS A 451 7.16 -10.85 4.89
CA LYS A 451 7.23 -12.24 4.49
C LYS A 451 7.14 -13.14 5.72
N SER A 452 6.03 -13.85 5.85
CA SER A 452 5.86 -14.75 6.97
C SER A 452 6.64 -16.02 6.73
N VAL A 453 7.29 -16.52 7.77
CA VAL A 453 8.04 -17.76 7.68
C VAL A 453 7.63 -18.67 8.83
N ARG A 454 7.22 -19.89 8.49
CA ARG A 454 6.89 -20.88 9.50
C ARG A 454 7.82 -22.08 9.39
N ILE A 455 8.51 -22.39 10.48
CA ILE A 455 9.42 -23.53 10.51
C ILE A 455 8.82 -24.68 11.29
N VAL A 456 8.61 -25.80 10.62
CA VAL A 456 8.13 -27.02 11.26
C VAL A 456 9.30 -27.97 11.45
N PRO A 457 9.44 -28.56 12.65
CA PRO A 457 10.52 -29.51 12.91
C PRO A 457 10.48 -30.73 11.98
N ASN B 23 -32.75 -9.59 -11.59
CA ASN B 23 -31.91 -10.51 -10.83
C ASN B 23 -30.90 -9.75 -9.98
N TYR B 24 -29.89 -9.21 -10.63
CA TYR B 24 -28.89 -8.39 -9.94
C TYR B 24 -29.37 -6.95 -9.81
N LEU B 25 -28.84 -6.23 -8.84
CA LEU B 25 -29.15 -4.81 -8.69
C LEU B 25 -28.82 -4.04 -9.95
N SER B 26 -29.69 -3.11 -10.32
CA SER B 26 -29.42 -2.20 -11.43
C SER B 26 -28.34 -1.23 -11.00
N PRO B 27 -27.64 -0.63 -11.98
CA PRO B 27 -26.62 0.37 -11.65
C PRO B 27 -27.16 1.52 -10.80
N ALA B 28 -28.41 1.88 -11.00
CA ALA B 28 -29.04 2.97 -10.25
C ALA B 28 -29.13 2.61 -8.76
N LYS B 29 -29.59 1.40 -8.47
CA LYS B 29 -29.69 0.96 -7.08
C LYS B 29 -28.32 0.76 -6.46
N ILE B 30 -27.34 0.39 -7.29
CA ILE B 30 -25.97 0.25 -6.82
C ILE B 30 -25.40 1.61 -6.44
N ASP B 31 -25.54 2.59 -7.33
CA ASP B 31 -25.13 3.97 -7.05
C ASP B 31 -25.80 4.47 -5.78
N SER B 32 -27.08 4.18 -5.64
CA SER B 32 -27.86 4.60 -4.48
C SER B 32 -27.37 3.93 -3.19
N LEU B 33 -26.97 2.68 -3.28
CA LEU B 33 -26.43 1.96 -2.12
C LEU B 33 -25.07 2.53 -1.73
N PHE B 34 -24.28 2.86 -2.74
CA PHE B 34 -22.95 3.43 -2.53
C PHE B 34 -23.05 4.79 -1.86
N SER B 35 -23.99 5.60 -2.31
CA SER B 35 -24.20 6.94 -1.77
C SER B 35 -24.64 6.90 -0.32
N ALA B 36 -25.46 5.92 0.04
CA ALA B 36 -25.91 5.79 1.42
C ALA B 36 -24.77 5.38 2.38
N GLN B 37 -23.76 4.71 1.84
CA GLN B 37 -22.60 4.35 2.67
C GLN B 37 -21.67 5.55 2.86
N LYS B 38 -21.52 6.36 1.82
CA LYS B 38 -20.78 7.61 1.92
C LYS B 38 -21.39 8.49 3.00
N ALA B 39 -22.70 8.69 2.92
CA ALA B 39 -23.43 9.50 3.88
C ALA B 39 -23.31 8.92 5.29
N TYR B 40 -23.40 7.61 5.40
CA TYR B 40 -23.35 6.95 6.70
C TYR B 40 -21.98 7.12 7.32
N PHE B 41 -20.94 7.02 6.52
CA PHE B 41 -19.59 7.19 7.03
C PHE B 41 -19.38 8.61 7.57
N ALA B 42 -19.90 9.60 6.87
CA ALA B 42 -19.72 11.01 7.26
C ALA B 42 -20.45 11.34 8.56
N THR B 43 -21.35 10.47 8.98
CA THR B 43 -22.02 10.55 10.27
C THR B 43 -21.04 10.29 11.42
N ARG B 44 -19.91 9.66 11.09
CA ARG B 44 -18.88 9.26 12.06
C ARG B 44 -19.43 8.22 13.03
N ALA B 45 -20.42 7.46 12.56
CA ALA B 45 -21.02 6.39 13.35
C ALA B 45 -19.99 5.31 13.69
N THR B 46 -19.03 5.12 12.80
CA THR B 46 -18.06 4.02 12.91
C THR B 46 -16.81 4.36 13.71
N ALA B 47 -16.76 5.56 14.28
CA ALA B 47 -15.53 6.06 14.89
C ALA B 47 -15.16 5.39 16.20
N ASP B 48 -16.14 5.14 17.07
CA ASP B 48 -15.86 4.61 18.40
C ASP B 48 -15.58 3.11 18.36
N VAL B 49 -14.79 2.65 19.33
CA VAL B 49 -14.41 1.24 19.37
C VAL B 49 -15.58 0.37 19.83
N GLY B 50 -16.44 0.93 20.67
CA GLY B 50 -17.62 0.22 21.13
C GLY B 50 -18.50 -0.22 19.97
N PHE B 51 -18.63 0.66 18.99
CA PHE B 51 -19.40 0.37 17.79
C PHE B 51 -18.75 -0.72 16.97
N ARG B 52 -17.43 -0.63 16.82
CA ARG B 52 -16.69 -1.60 16.01
C ARG B 52 -16.74 -2.98 16.64
N LYS B 53 -16.61 -3.04 17.96
CA LYS B 53 -16.66 -4.32 18.65
C LYS B 53 -18.03 -4.98 18.54
N GLN B 54 -19.11 -4.21 18.69
CA GLN B 54 -20.44 -4.82 18.59
C GLN B 54 -20.73 -5.23 17.15
N SER B 55 -20.16 -4.52 16.18
CA SER B 55 -20.23 -4.94 14.79
C SER B 55 -19.62 -6.33 14.60
N LEU B 56 -18.49 -6.58 15.25
CA LEU B 56 -17.85 -7.89 15.17
C LEU B 56 -18.71 -8.97 15.82
N GLU B 57 -19.29 -8.63 16.97
CA GLU B 57 -20.17 -9.54 17.69
C GLU B 57 -21.40 -9.89 16.87
N ARG B 58 -21.87 -8.96 16.05
CA ARG B 58 -23.04 -9.22 15.24
C ARG B 58 -22.69 -10.05 14.01
N LEU B 59 -21.48 -9.87 13.50
CA LEU B 59 -21.04 -10.70 12.39
C LEU B 59 -20.84 -12.14 12.87
N LYS B 60 -20.17 -12.27 14.02
CA LYS B 60 -19.91 -13.56 14.61
C LYS B 60 -21.20 -14.32 14.87
N GLU B 61 -22.14 -13.65 15.52
CA GLU B 61 -23.44 -14.22 15.81
C GLU B 61 -24.19 -14.63 14.54
N ALA B 62 -24.09 -13.81 13.49
CA ALA B 62 -24.78 -14.11 12.23
C ALA B 62 -24.15 -15.30 11.51
N VAL B 63 -22.84 -15.43 11.61
CA VAL B 63 -22.15 -16.57 11.02
C VAL B 63 -22.57 -17.88 11.69
N ILE B 64 -22.59 -17.85 13.02
CA ILE B 64 -22.94 -19.03 13.81
C ILE B 64 -24.38 -19.45 13.54
N ASN B 65 -25.26 -18.48 13.34
CA ASN B 65 -26.66 -18.78 13.05
C ASN B 65 -26.87 -19.45 11.69
N ASN B 66 -25.87 -19.33 10.81
CA ASN B 66 -26.03 -19.82 9.45
C ASN B 66 -25.07 -20.94 9.08
N LYS B 67 -24.52 -21.61 10.09
CA LYS B 67 -23.57 -22.71 9.87
C LYS B 67 -24.10 -23.78 8.92
N GLU B 68 -25.30 -24.27 9.21
CA GLU B 68 -25.88 -25.37 8.45
C GLU B 68 -26.13 -24.97 7.00
N ALA B 69 -26.50 -23.73 6.78
CA ALA B 69 -26.70 -23.23 5.42
C ALA B 69 -25.36 -23.14 4.69
N LEU B 70 -24.31 -22.84 5.43
CA LEU B 70 -22.97 -22.75 4.84
C LEU B 70 -22.45 -24.12 4.45
N TYR B 71 -22.67 -25.11 5.32
CA TYR B 71 -22.29 -26.49 5.03
C TYR B 71 -22.91 -26.95 3.71
N SER B 72 -24.21 -26.75 3.58
CA SER B 72 -24.93 -27.18 2.39
C SER B 72 -24.50 -26.42 1.15
N ALA B 73 -24.29 -25.12 1.31
CA ALA B 73 -23.90 -24.26 0.19
C ALA B 73 -22.51 -24.62 -0.32
N LEU B 74 -21.58 -24.86 0.59
CA LEU B 74 -20.21 -25.18 0.20
C LEU B 74 -20.10 -26.60 -0.33
N ALA B 75 -20.95 -27.50 0.15
CA ALA B 75 -21.01 -28.85 -0.39
C ALA B 75 -21.54 -28.80 -1.81
N GLU B 76 -22.60 -28.03 -2.05
CA GLU B 76 -23.18 -27.95 -3.38
C GLU B 76 -22.25 -27.28 -4.38
N ASP B 77 -21.63 -26.17 -3.97
CA ASP B 77 -20.77 -25.41 -4.86
C ASP B 77 -19.41 -26.08 -5.10
N LEU B 78 -18.77 -26.56 -4.03
CA LEU B 78 -17.39 -27.01 -4.14
C LEU B 78 -17.14 -28.40 -3.59
N GLY B 79 -18.19 -29.05 -3.10
CA GLY B 79 -18.08 -30.37 -2.52
C GLY B 79 -17.22 -30.40 -1.28
N LYS B 80 -17.19 -29.28 -0.56
CA LYS B 80 -16.37 -29.21 0.66
C LYS B 80 -16.96 -30.07 1.76
N PRO B 81 -16.13 -30.94 2.36
CA PRO B 81 -16.54 -31.70 3.53
C PRO B 81 -16.76 -30.78 4.72
N LYS B 82 -17.62 -31.20 5.65
CA LYS B 82 -17.96 -30.42 6.83
C LYS B 82 -16.74 -30.04 7.66
N ASP B 83 -15.79 -30.97 7.79
CA ASP B 83 -14.61 -30.73 8.61
C ASP B 83 -13.71 -29.65 8.02
N VAL B 84 -13.70 -29.56 6.69
CA VAL B 84 -12.89 -28.58 6.00
C VAL B 84 -13.50 -27.20 6.16
N VAL B 85 -14.81 -27.13 6.05
CA VAL B 85 -15.54 -25.88 6.24
C VAL B 85 -15.30 -25.32 7.64
N ASP B 86 -15.25 -26.21 8.62
CA ASP B 86 -15.01 -25.81 10.01
C ASP B 86 -13.59 -25.33 10.22
N LEU B 87 -12.65 -25.86 9.45
CA LEU B 87 -11.25 -25.46 9.58
C LEU B 87 -10.93 -24.21 8.76
N ALA B 88 -11.28 -24.25 7.47
CA ALA B 88 -10.79 -23.26 6.52
C ALA B 88 -11.76 -22.13 6.24
N GLU B 89 -13.03 -22.33 6.56
CA GLU B 89 -14.04 -21.33 6.26
C GLU B 89 -14.59 -20.70 7.52
N ILE B 90 -15.41 -21.44 8.26
CA ILE B 90 -16.08 -20.88 9.42
C ILE B 90 -15.12 -20.62 10.58
N GLY B 91 -14.34 -21.64 10.92
CA GLY B 91 -13.42 -21.55 12.04
C GLY B 91 -12.36 -20.49 11.87
N ALA B 92 -11.86 -20.36 10.64
CA ALA B 92 -10.86 -19.35 10.31
C ALA B 92 -11.39 -17.95 10.61
N VAL B 93 -12.63 -17.69 10.21
CA VAL B 93 -13.25 -16.39 10.42
C VAL B 93 -13.51 -16.12 11.90
N LEU B 94 -14.12 -17.09 12.59
CA LEU B 94 -14.48 -16.91 13.99
C LEU B 94 -13.26 -16.70 14.88
N HIS B 95 -12.16 -17.37 14.54
CA HIS B 95 -10.90 -17.18 15.26
C HIS B 95 -10.35 -15.78 15.08
N GLU B 96 -10.40 -15.27 13.85
CA GLU B 96 -9.95 -13.91 13.56
C GLU B 96 -10.84 -12.90 14.28
N ILE B 97 -12.13 -13.18 14.34
CA ILE B 97 -13.07 -12.31 15.04
C ILE B 97 -12.73 -12.27 16.52
N ASP B 98 -12.58 -13.43 17.14
CA ASP B 98 -12.27 -13.48 18.56
C ASP B 98 -10.93 -12.83 18.89
N PHE B 99 -9.94 -13.05 18.02
CA PHE B 99 -8.62 -12.42 18.19
C PHE B 99 -8.72 -10.90 18.08
N ALA B 100 -9.47 -10.43 17.09
CA ALA B 100 -9.68 -8.98 16.92
C ALA B 100 -10.35 -8.37 18.14
N LEU B 101 -11.37 -9.05 18.65
CA LEU B 101 -12.12 -8.56 19.79
C LEU B 101 -11.25 -8.39 21.03
N ALA B 102 -10.33 -9.33 21.23
CA ALA B 102 -9.47 -9.31 22.41
C ALA B 102 -8.35 -8.29 22.29
N HIS B 103 -8.14 -7.76 21.10
CA HIS B 103 -7.00 -6.88 20.87
C HIS B 103 -7.36 -5.48 20.41
N LEU B 104 -8.63 -5.26 20.09
CA LEU B 104 -9.04 -4.03 19.44
C LEU B 104 -8.81 -2.79 20.29
N ASP B 105 -9.05 -2.91 21.61
CA ASP B 105 -8.83 -1.79 22.53
C ASP B 105 -7.39 -1.30 22.45
N GLU B 106 -6.48 -2.23 22.28
CA GLU B 106 -5.07 -1.89 22.18
C GLU B 106 -4.77 -1.26 20.83
N TRP B 107 -5.36 -1.82 19.77
CA TRP B 107 -5.03 -1.40 18.42
C TRP B 107 -5.47 0.03 18.11
N VAL B 108 -6.64 0.43 18.63
CA VAL B 108 -7.21 1.73 18.29
C VAL B 108 -6.64 2.86 19.16
N ALA B 109 -5.76 2.52 20.08
CA ALA B 109 -5.16 3.52 20.96
C ALA B 109 -4.08 4.32 20.26
N PRO B 110 -4.15 5.65 20.38
CA PRO B 110 -3.12 6.54 19.84
C PRO B 110 -1.75 6.20 20.37
N VAL B 111 -0.75 6.19 19.49
CA VAL B 111 0.60 5.86 19.89
C VAL B 111 1.42 7.13 20.04
N SER B 112 1.90 7.41 21.24
CA SER B 112 2.71 8.59 21.47
C SER B 112 4.14 8.33 21.03
N VAL B 113 4.74 9.31 20.36
CA VAL B 113 6.12 9.16 19.90
C VAL B 113 6.98 10.27 20.47
N PRO B 114 8.30 10.07 20.48
CA PRO B 114 9.18 11.15 20.94
C PRO B 114 9.15 12.35 20.00
N SER B 115 9.57 13.49 20.51
CA SER B 115 9.72 14.68 19.71
C SER B 115 11.17 15.12 19.71
N PRO B 116 11.81 15.12 18.53
CA PRO B 116 13.19 15.59 18.45
C PRO B 116 13.30 17.06 18.82
N ASP B 117 14.52 17.51 19.15
CA ASP B 117 14.73 18.85 19.65
C ASP B 117 14.44 19.94 18.62
N ILE B 118 14.64 19.63 17.35
CA ILE B 118 14.45 20.60 16.29
C ILE B 118 12.99 21.08 16.21
N ILE B 119 12.07 20.25 16.68
CA ILE B 119 10.65 20.61 16.67
C ILE B 119 10.09 20.82 18.07
N ALA B 120 10.96 20.78 19.07
CA ALA B 120 10.54 21.02 20.45
C ALA B 120 10.23 22.50 20.64
N PRO B 121 9.30 22.82 21.56
CA PRO B 121 8.52 21.88 22.36
C PRO B 121 7.24 21.46 21.65
N SER B 122 6.92 20.16 21.70
CA SER B 122 5.67 19.65 21.16
C SER B 122 5.42 18.22 21.61
N GLU B 123 4.15 17.84 21.67
CA GLU B 123 3.75 16.46 21.94
C GLU B 123 3.22 15.84 20.67
N CYS B 124 3.83 14.72 20.26
CA CYS B 124 3.44 14.07 19.02
C CYS B 124 2.88 12.68 19.29
N TYR B 125 1.99 12.24 18.41
CA TYR B 125 1.46 10.89 18.46
C TYR B 125 0.93 10.49 17.09
N VAL B 126 0.61 9.21 16.94
CA VAL B 126 0.16 8.68 15.67
C VAL B 126 -1.22 8.05 15.81
N VAL B 127 -2.11 8.41 14.91
CA VAL B 127 -3.47 7.88 14.89
C VAL B 127 -3.61 6.99 13.67
N GLN B 128 -4.31 5.87 13.82
CA GLN B 128 -4.69 5.06 12.68
C GLN B 128 -6.11 5.46 12.28
N GLU B 129 -6.23 6.10 11.13
CA GLU B 129 -7.50 6.68 10.70
C GLU B 129 -8.15 5.86 9.58
N PRO B 130 -9.45 5.61 9.69
CA PRO B 130 -10.19 4.86 8.67
C PRO B 130 -10.11 5.48 7.28
N TYR B 131 -10.30 4.67 6.25
CA TYR B 131 -10.31 5.16 4.88
C TYR B 131 -11.67 5.76 4.50
N GLY B 132 -12.73 5.00 4.72
CA GLY B 132 -14.07 5.43 4.37
C GLY B 132 -14.95 4.29 3.88
N VAL B 133 -15.31 4.33 2.61
CA VAL B 133 -16.15 3.30 2.02
C VAL B 133 -15.29 2.30 1.26
N THR B 134 -15.36 1.03 1.65
CA THR B 134 -14.47 0.03 1.08
C THR B 134 -15.21 -1.00 0.23
N TYR B 135 -14.48 -1.55 -0.73
CA TYR B 135 -15.01 -2.54 -1.66
C TYR B 135 -14.23 -3.85 -1.49
N ILE B 136 -14.93 -4.94 -1.22
CA ILE B 136 -14.28 -6.24 -1.12
C ILE B 136 -14.76 -7.18 -2.21
N ILE B 137 -13.83 -7.57 -3.08
CA ILE B 137 -14.15 -8.52 -4.14
C ILE B 137 -13.74 -9.92 -3.70
N GLY B 138 -14.72 -10.81 -3.63
CA GLY B 138 -14.46 -12.17 -3.16
C GLY B 138 -14.25 -13.16 -4.28
N PRO B 139 -13.32 -14.10 -4.06
CA PRO B 139 -13.01 -15.15 -5.05
C PRO B 139 -13.87 -16.38 -4.81
N PHE B 140 -13.81 -17.35 -5.71
CA PHE B 140 -14.69 -18.51 -5.64
C PHE B 140 -14.24 -19.58 -4.65
N ASN B 141 -12.93 -19.75 -4.51
CA ASN B 141 -12.40 -21.00 -3.94
C ASN B 141 -12.58 -21.14 -2.44
N TYR B 142 -12.41 -20.05 -1.70
CA TYR B 142 -12.70 -20.05 -0.27
C TYR B 142 -13.58 -18.85 0.05
N PRO B 143 -14.82 -18.87 -0.44
CA PRO B 143 -15.68 -17.68 -0.49
C PRO B 143 -16.04 -17.10 0.87
N VAL B 144 -16.11 -17.91 1.91
CA VAL B 144 -16.42 -17.37 3.23
C VAL B 144 -15.18 -16.74 3.86
N ASN B 145 -14.08 -17.48 3.86
CA ASN B 145 -12.81 -17.01 4.40
C ASN B 145 -12.39 -15.70 3.74
N LEU B 146 -12.40 -15.68 2.41
CA LEU B 146 -11.81 -14.58 1.68
C LEU B 146 -12.79 -13.43 1.38
N THR B 147 -13.99 -13.49 1.92
CA THR B 147 -14.85 -12.31 1.92
C THR B 147 -14.97 -11.74 3.32
N LEU B 148 -15.17 -12.61 4.30
CA LEU B 148 -15.49 -12.18 5.66
C LEU B 148 -14.26 -11.84 6.51
N THR B 149 -13.13 -12.47 6.23
CA THR B 149 -11.90 -12.10 6.94
C THR B 149 -11.43 -10.69 6.58
N PRO B 150 -11.43 -10.32 5.28
CA PRO B 150 -11.11 -8.93 5.01
C PRO B 150 -12.16 -7.97 5.57
N LEU B 151 -13.41 -8.41 5.63
CA LEU B 151 -14.50 -7.60 6.18
C LEU B 151 -14.20 -7.20 7.62
N ILE B 152 -13.64 -8.14 8.37
CA ILE B 152 -13.21 -7.89 9.73
C ILE B 152 -12.22 -6.72 9.74
N GLY B 153 -11.34 -6.70 8.75
CA GLY B 153 -10.40 -5.60 8.58
C GLY B 153 -11.11 -4.28 8.40
N ALA B 154 -12.04 -4.25 7.45
CA ALA B 154 -12.83 -3.06 7.19
C ALA B 154 -13.58 -2.60 8.45
N ILE B 155 -14.11 -3.55 9.20
CA ILE B 155 -14.88 -3.23 10.39
C ILE B 155 -14.03 -2.62 11.48
N ILE B 156 -12.91 -3.27 11.81
CA ILE B 156 -12.11 -2.81 12.93
C ILE B 156 -11.37 -1.52 12.60
N GLY B 157 -11.21 -1.26 11.31
CA GLY B 157 -10.59 -0.03 10.85
C GLY B 157 -11.53 1.18 10.90
N GLY B 158 -12.82 0.92 11.11
CA GLY B 158 -13.79 2.00 11.21
C GLY B 158 -14.36 2.41 9.86
N ASN B 159 -14.39 1.46 8.93
CA ASN B 159 -14.89 1.70 7.59
C ASN B 159 -16.32 1.22 7.39
N THR B 160 -16.91 1.55 6.25
CA THR B 160 -18.11 0.86 5.77
C THR B 160 -17.63 -0.09 4.69
N CYS B 161 -18.50 -0.97 4.21
CA CYS B 161 -18.04 -1.96 3.26
C CYS B 161 -19.11 -2.47 2.31
N ILE B 162 -18.75 -2.55 1.04
CA ILE B 162 -19.58 -3.25 0.06
C ILE B 162 -18.84 -4.50 -0.40
N ILE B 163 -19.50 -5.65 -0.30
CA ILE B 163 -18.90 -6.93 -0.67
C ILE B 163 -19.54 -7.49 -1.93
N LYS B 164 -18.71 -7.86 -2.90
CA LYS B 164 -19.20 -8.61 -4.06
C LYS B 164 -18.59 -10.01 -4.09
N PRO B 165 -19.36 -11.01 -3.64
CA PRO B 165 -18.85 -12.39 -3.68
C PRO B 165 -18.81 -12.92 -5.10
N SER B 166 -18.28 -14.13 -5.29
CA SER B 166 -18.20 -14.71 -6.62
C SER B 166 -19.56 -15.20 -7.10
N GLU B 167 -19.83 -15.03 -8.39
CA GLU B 167 -21.09 -15.49 -8.94
C GLU B 167 -20.98 -16.95 -9.37
N THR B 168 -19.75 -17.48 -9.40
CA THR B 168 -19.54 -18.85 -9.85
C THR B 168 -19.80 -19.85 -8.72
N THR B 169 -19.96 -19.34 -7.50
CA THR B 169 -20.40 -20.14 -6.36
C THR B 169 -21.69 -19.55 -5.81
N PRO B 170 -22.81 -19.75 -6.51
CA PRO B 170 -24.07 -19.03 -6.24
C PRO B 170 -24.73 -19.38 -4.90
N GLU B 171 -24.65 -20.64 -4.49
CA GLU B 171 -25.28 -21.06 -3.25
C GLU B 171 -24.68 -20.37 -2.03
N THR B 172 -23.35 -20.29 -2.00
CA THR B 172 -22.67 -19.75 -0.83
C THR B 172 -22.69 -18.23 -0.85
N SER B 173 -22.72 -17.65 -2.05
CA SER B 173 -22.85 -16.21 -2.19
C SER B 173 -24.19 -15.74 -1.62
N ALA B 174 -25.21 -16.57 -1.80
CA ALA B 174 -26.55 -16.28 -1.28
C ALA B 174 -26.55 -16.29 0.24
N VAL B 175 -25.88 -17.28 0.83
CA VAL B 175 -25.79 -17.37 2.28
C VAL B 175 -24.95 -16.23 2.86
N ILE B 176 -23.88 -15.85 2.15
CA ILE B 176 -23.06 -14.72 2.57
C ILE B 176 -23.90 -13.45 2.60
N GLU B 177 -24.73 -13.25 1.59
CA GLU B 177 -25.65 -12.13 1.58
C GLU B 177 -26.63 -12.20 2.75
N LYS B 178 -27.12 -13.40 3.04
CA LYS B 178 -28.07 -13.60 4.14
C LYS B 178 -27.42 -13.28 5.49
N ILE B 179 -26.17 -13.69 5.65
CA ILE B 179 -25.42 -13.43 6.87
C ILE B 179 -25.22 -11.93 7.09
N ILE B 180 -24.78 -11.24 6.05
CA ILE B 180 -24.54 -9.80 6.13
C ILE B 180 -25.83 -9.00 6.34
N ALA B 181 -26.88 -9.35 5.60
CA ALA B 181 -28.15 -8.65 5.72
C ALA B 181 -28.71 -8.77 7.13
N GLU B 182 -28.44 -9.92 7.74
CA GLU B 182 -28.95 -10.25 9.06
C GLU B 182 -28.16 -9.55 10.17
N ALA B 183 -26.88 -9.30 9.93
CA ALA B 183 -26.03 -8.68 10.93
C ALA B 183 -26.05 -7.16 10.84
N PHE B 184 -26.12 -6.64 9.63
CA PHE B 184 -25.88 -5.22 9.39
C PHE B 184 -26.93 -4.53 8.52
N ALA B 185 -27.11 -3.24 8.75
CA ALA B 185 -27.87 -2.39 7.83
C ALA B 185 -27.03 -2.15 6.58
N PRO B 186 -27.69 -2.10 5.41
CA PRO B 186 -26.98 -1.93 4.13
C PRO B 186 -26.14 -0.64 4.03
N GLU B 187 -26.49 0.38 4.79
CA GLU B 187 -25.74 1.63 4.77
C GLU B 187 -24.37 1.46 5.44
N TYR B 188 -24.22 0.41 6.22
CA TYR B 188 -22.96 0.12 6.90
C TYR B 188 -22.17 -0.97 6.19
N VAL B 189 -22.74 -2.17 6.12
CA VAL B 189 -22.14 -3.27 5.37
C VAL B 189 -23.19 -3.95 4.51
N ALA B 190 -22.91 -4.07 3.22
CA ALA B 190 -23.86 -4.69 2.31
C ALA B 190 -23.19 -5.63 1.33
N VAL B 191 -23.92 -6.66 0.94
CA VAL B 191 -23.48 -7.59 -0.10
C VAL B 191 -24.20 -7.26 -1.39
N ILE B 192 -23.44 -7.07 -2.47
CA ILE B 192 -24.01 -6.88 -3.78
C ILE B 192 -23.56 -8.02 -4.68
N GLN B 193 -24.48 -8.93 -4.96
CA GLN B 193 -24.17 -10.03 -5.87
C GLN B 193 -24.16 -9.51 -7.30
N GLY B 194 -23.29 -10.05 -8.13
CA GLY B 194 -23.19 -9.60 -9.50
C GLY B 194 -22.13 -10.33 -10.30
N GLY B 195 -22.14 -10.09 -11.61
CA GLY B 195 -21.15 -10.68 -12.50
C GLY B 195 -20.17 -9.64 -12.99
N ARG B 196 -19.75 -9.78 -14.24
CA ARG B 196 -18.76 -8.88 -14.82
C ARG B 196 -19.26 -7.43 -14.82
N ASP B 197 -20.48 -7.23 -15.29
CA ASP B 197 -21.08 -5.91 -15.42
C ASP B 197 -21.25 -5.17 -14.10
N GLU B 198 -21.64 -5.88 -13.05
CA GLU B 198 -21.81 -5.27 -11.74
C GLU B 198 -20.46 -4.92 -11.12
N ASN B 199 -19.45 -5.73 -11.42
CA ASN B 199 -18.12 -5.51 -10.88
C ASN B 199 -17.45 -4.27 -11.47
N SER B 200 -17.50 -4.15 -12.80
CA SER B 200 -16.90 -3.02 -13.47
C SER B 200 -17.61 -1.72 -13.11
N HIS B 201 -18.91 -1.81 -12.83
CA HIS B 201 -19.66 -0.64 -12.39
C HIS B 201 -19.22 -0.22 -10.99
N LEU B 202 -19.11 -1.18 -10.09
CA LEU B 202 -18.66 -0.89 -8.73
C LEU B 202 -17.22 -0.38 -8.73
N LEU B 203 -16.42 -0.89 -9.66
CA LEU B 203 -15.01 -0.47 -9.74
C LEU B 203 -14.88 0.95 -10.24
N SER B 204 -15.93 1.50 -10.84
CA SER B 204 -15.89 2.85 -11.38
C SER B 204 -16.30 3.88 -10.32
N LEU B 205 -16.79 3.39 -9.19
CA LEU B 205 -17.21 4.28 -8.11
C LEU B 205 -16.00 4.71 -7.28
N PRO B 206 -16.04 5.92 -6.71
CA PRO B 206 -14.90 6.43 -5.94
C PRO B 206 -14.78 5.81 -4.55
N PHE B 207 -14.49 4.51 -4.51
CA PHE B 207 -14.25 3.83 -3.24
C PHE B 207 -13.02 4.43 -2.55
N ASP B 208 -12.92 4.24 -1.24
CA ASP B 208 -11.80 4.79 -0.50
C ASP B 208 -10.73 3.74 -0.25
N PHE B 209 -11.10 2.48 -0.43
CA PHE B 209 -10.15 1.36 -0.35
C PHE B 209 -10.74 0.15 -1.07
N ILE B 210 -9.90 -0.58 -1.79
CA ILE B 210 -10.35 -1.78 -2.49
C ILE B 210 -9.50 -3.01 -2.11
N PHE B 211 -10.16 -4.08 -1.70
CA PHE B 211 -9.51 -5.33 -1.34
C PHE B 211 -9.88 -6.40 -2.35
N PHE B 212 -8.91 -6.89 -3.09
CA PHE B 212 -9.20 -7.85 -4.13
C PHE B 212 -8.44 -9.14 -3.91
N THR B 213 -9.14 -10.26 -4.07
CA THR B 213 -8.53 -11.58 -4.05
C THR B 213 -8.90 -12.29 -5.34
N GLY B 214 -7.90 -12.68 -6.13
CA GLY B 214 -8.16 -13.31 -7.41
C GLY B 214 -6.91 -13.50 -8.24
N SER B 215 -7.07 -13.65 -9.55
CA SER B 215 -5.95 -13.90 -10.46
C SER B 215 -5.19 -12.62 -10.80
N PRO B 216 -3.89 -12.75 -11.11
CA PRO B 216 -3.02 -11.61 -11.42
C PRO B 216 -3.57 -10.73 -12.53
N ASN B 217 -4.20 -11.32 -13.55
CA ASN B 217 -4.69 -10.52 -14.67
C ASN B 217 -5.91 -9.69 -14.33
N VAL B 218 -6.74 -10.16 -13.41
CA VAL B 218 -7.90 -9.39 -12.99
C VAL B 218 -7.46 -8.36 -11.95
N GLY B 219 -6.39 -8.65 -11.23
CA GLY B 219 -5.80 -7.69 -10.33
C GLY B 219 -5.34 -6.46 -11.09
N LYS B 220 -4.85 -6.66 -12.30
CA LYS B 220 -4.44 -5.56 -13.16
C LYS B 220 -5.63 -4.70 -13.54
N VAL B 221 -6.77 -5.33 -13.76
CA VAL B 221 -7.99 -4.63 -14.09
C VAL B 221 -8.49 -3.82 -12.89
N VAL B 222 -8.36 -4.41 -11.71
CA VAL B 222 -8.80 -3.75 -10.49
C VAL B 222 -7.94 -2.54 -10.15
N MET B 223 -6.63 -2.66 -10.34
CA MET B 223 -5.72 -1.57 -10.01
C MET B 223 -5.84 -0.42 -11.01
N GLN B 224 -6.06 -0.79 -12.27
CA GLN B 224 -6.29 0.19 -13.32
C GLN B 224 -7.53 1.04 -13.02
N ALA B 225 -8.59 0.41 -12.55
CA ALA B 225 -9.81 1.13 -12.21
C ALA B 225 -9.60 1.95 -10.96
N ALA B 226 -8.76 1.44 -10.06
CA ALA B 226 -8.47 2.13 -8.81
C ALA B 226 -7.67 3.40 -9.03
N ALA B 227 -6.88 3.42 -10.09
CA ALA B 227 -6.01 4.54 -10.38
C ALA B 227 -6.82 5.79 -10.70
N LYS B 228 -7.95 5.59 -11.38
CA LYS B 228 -8.77 6.70 -11.84
C LYS B 228 -9.39 7.51 -10.70
N HIS B 229 -9.44 6.92 -9.51
CA HIS B 229 -9.96 7.64 -8.35
C HIS B 229 -8.94 7.69 -7.23
N LEU B 230 -7.69 7.38 -7.56
CA LEU B 230 -6.61 7.34 -6.59
C LEU B 230 -6.97 6.49 -5.37
N THR B 231 -7.52 5.30 -5.62
CA THR B 231 -7.95 4.43 -4.54
C THR B 231 -6.88 3.40 -4.21
N PRO B 232 -6.48 3.34 -2.95
CA PRO B 232 -5.46 2.37 -2.52
C PRO B 232 -6.00 0.95 -2.59
N VAL B 233 -5.16 0.00 -2.99
CA VAL B 233 -5.62 -1.37 -3.12
C VAL B 233 -4.74 -2.36 -2.37
N VAL B 234 -5.36 -3.45 -1.95
CA VAL B 234 -4.63 -4.64 -1.58
C VAL B 234 -5.00 -5.70 -2.59
N LEU B 235 -3.98 -6.37 -3.13
CA LEU B 235 -4.19 -7.41 -4.11
C LEU B 235 -3.60 -8.71 -3.62
N GLU B 236 -4.47 -9.68 -3.39
CA GLU B 236 -4.03 -11.01 -3.01
C GLU B 236 -4.17 -11.90 -4.22
N LEU B 237 -3.05 -12.26 -4.83
CA LEU B 237 -3.07 -12.89 -6.14
C LEU B 237 -2.48 -14.29 -6.10
N GLY B 238 -1.92 -14.74 -7.21
CA GLY B 238 -1.48 -16.11 -7.32
C GLY B 238 -0.12 -16.35 -7.95
N GLY B 239 -0.03 -17.44 -8.71
CA GLY B 239 1.23 -17.92 -9.23
C GLY B 239 1.32 -19.40 -8.93
N LYS B 240 2.51 -19.98 -9.02
CA LYS B 240 2.68 -21.40 -8.76
C LYS B 240 3.60 -21.66 -7.58
N CYS B 241 3.04 -22.05 -6.44
CA CYS B 241 3.85 -22.34 -5.26
C CYS B 241 4.62 -23.64 -5.44
N PRO B 242 5.95 -23.58 -5.30
CA PRO B 242 6.77 -24.79 -5.36
C PRO B 242 6.83 -25.49 -4.01
N LEU B 243 6.83 -26.82 -4.04
CA LEU B 243 7.21 -27.59 -2.87
C LEU B 243 8.53 -28.27 -3.21
N ILE B 244 9.59 -27.83 -2.54
CA ILE B 244 10.95 -28.29 -2.83
C ILE B 244 11.41 -29.30 -1.81
N VAL B 245 11.80 -30.48 -2.28
CA VAL B 245 12.19 -31.57 -1.40
C VAL B 245 13.68 -31.85 -1.44
N LEU B 246 14.33 -31.64 -0.30
CA LEU B 246 15.77 -31.84 -0.17
C LEU B 246 16.04 -33.32 0.14
N PRO B 247 17.25 -33.81 -0.20
CA PRO B 247 17.59 -35.21 -0.03
C PRO B 247 17.34 -35.77 1.38
N ASP B 248 17.40 -34.92 2.40
CA ASP B 248 17.30 -35.40 3.77
C ASP B 248 15.90 -35.22 4.34
N ALA B 249 14.93 -34.95 3.48
CA ALA B 249 13.56 -34.71 3.93
C ALA B 249 12.93 -35.97 4.50
N ASP B 250 12.11 -35.79 5.53
CA ASP B 250 11.22 -36.83 6.00
C ASP B 250 10.17 -37.05 4.93
N LEU B 251 10.22 -38.20 4.26
CA LEU B 251 9.37 -38.43 3.10
C LEU B 251 7.90 -38.68 3.47
N ASP B 252 7.66 -39.32 4.61
CA ASP B 252 6.29 -39.54 5.07
C ASP B 252 5.64 -38.20 5.43
N GLN B 253 6.38 -37.37 6.14
CA GLN B 253 5.94 -36.02 6.44
C GLN B 253 5.63 -35.25 5.17
N THR B 254 6.50 -35.37 4.17
CA THR B 254 6.32 -34.68 2.91
C THR B 254 5.06 -35.14 2.17
N VAL B 255 4.86 -36.45 2.11
CA VAL B 255 3.69 -37.00 1.45
C VAL B 255 2.41 -36.54 2.17
N ASN B 256 2.45 -36.55 3.49
CA ASN B 256 1.33 -36.07 4.30
C ASN B 256 0.93 -34.65 3.98
N GLN B 257 1.90 -33.76 3.92
CA GLN B 257 1.63 -32.35 3.61
C GLN B 257 1.20 -32.17 2.17
N LEU B 258 1.80 -32.93 1.25
CA LEU B 258 1.37 -32.93 -0.14
C LEU B 258 -0.09 -33.36 -0.26
N MET B 259 -0.45 -34.45 0.39
CA MET B 259 -1.83 -34.94 0.37
C MET B 259 -2.79 -33.87 0.84
N PHE B 260 -2.49 -33.29 2.00
CA PHE B 260 -3.30 -32.23 2.55
C PHE B 260 -3.32 -31.01 1.64
N GLY B 261 -2.15 -30.44 1.37
CA GLY B 261 -2.07 -29.21 0.62
C GLY B 261 -2.50 -29.25 -0.83
N LYS B 262 -2.14 -30.32 -1.54
CA LYS B 262 -2.39 -30.38 -2.97
C LYS B 262 -3.84 -30.74 -3.33
N PHE B 263 -4.45 -31.60 -2.53
CA PHE B 263 -5.75 -32.16 -2.94
C PHE B 263 -6.94 -31.65 -2.13
N ILE B 264 -6.69 -30.80 -1.15
CA ILE B 264 -7.81 -30.14 -0.48
C ILE B 264 -8.45 -29.18 -1.48
N ASN B 265 -9.77 -29.16 -1.50
CA ASN B 265 -10.53 -28.32 -2.42
C ASN B 265 -10.09 -28.50 -3.88
N SER B 266 -9.83 -29.74 -4.27
CA SER B 266 -9.44 -30.08 -5.63
C SER B 266 -8.28 -29.24 -6.15
N GLY B 267 -7.34 -28.91 -5.28
CA GLY B 267 -6.21 -28.11 -5.66
C GLY B 267 -6.50 -26.64 -5.86
N GLN B 268 -7.74 -26.23 -5.60
CA GLN B 268 -8.16 -24.84 -5.80
C GLN B 268 -7.83 -23.98 -4.60
N THR B 269 -6.54 -23.86 -4.32
CA THR B 269 -6.05 -23.07 -3.20
C THR B 269 -4.86 -22.24 -3.67
N ILE B 271 -2.46 -20.99 -1.89
CA ILE B 271 -1.22 -21.41 -1.25
C ILE B 271 -1.03 -22.92 -1.28
N ALA B 272 -1.67 -23.57 -2.25
CA ALA B 272 -1.47 -24.99 -2.44
C ALA B 272 -0.13 -25.21 -3.11
N PRO B 273 0.54 -26.33 -2.81
CA PRO B 273 1.69 -26.72 -3.61
C PRO B 273 1.24 -26.89 -5.05
N ASP B 274 1.67 -26.02 -5.94
CA ASP B 274 1.28 -26.14 -7.34
C ASP B 274 2.05 -27.29 -7.99
N TYR B 275 3.35 -27.35 -7.76
CA TYR B 275 4.16 -28.40 -8.34
C TYR B 275 5.20 -28.90 -7.36
N LEU B 276 5.69 -30.12 -7.62
CA LEU B 276 6.69 -30.74 -6.77
C LEU B 276 8.07 -30.62 -7.42
N TYR B 277 9.03 -30.14 -6.64
CA TYR B 277 10.40 -30.00 -7.11
C TYR B 277 11.29 -30.83 -6.19
N VAL B 278 11.61 -32.04 -6.64
CA VAL B 278 12.23 -33.01 -5.75
C VAL B 278 13.65 -33.37 -6.21
N HIS B 279 14.54 -33.58 -5.25
CA HIS B 279 15.89 -34.01 -5.56
C HIS B 279 15.83 -35.39 -6.21
N TYR B 280 16.57 -35.57 -7.30
CA TYR B 280 16.50 -36.79 -8.11
C TYR B 280 16.66 -38.07 -7.28
N SER B 281 17.43 -37.98 -6.19
CA SER B 281 17.82 -39.16 -5.43
C SER B 281 16.73 -39.69 -4.51
N VAL B 282 15.66 -38.93 -4.33
CA VAL B 282 14.54 -39.42 -3.52
C VAL B 282 13.21 -39.31 -4.25
N LYS B 283 13.24 -39.05 -5.55
CA LYS B 283 12.03 -38.97 -6.32
C LYS B 283 11.27 -40.30 -6.34
N ASP B 284 11.96 -41.38 -6.68
CA ASP B 284 11.33 -42.69 -6.81
C ASP B 284 10.69 -43.12 -5.50
N ALA B 285 11.38 -42.88 -4.39
CA ALA B 285 10.88 -43.25 -3.07
C ALA B 285 9.73 -42.36 -2.63
N LEU B 286 9.75 -41.10 -3.07
CA LEU B 286 8.69 -40.17 -2.72
C LEU B 286 7.40 -40.49 -3.47
N LEU B 287 7.50 -40.65 -4.79
CA LEU B 287 6.34 -40.93 -5.61
C LEU B 287 5.72 -42.29 -5.28
N GLU B 288 6.54 -43.24 -4.86
CA GLU B 288 6.02 -44.55 -4.48
C GLU B 288 5.09 -44.43 -3.27
N ARG B 289 5.53 -43.70 -2.26
CA ARG B 289 4.69 -43.41 -1.09
C ARG B 289 3.45 -42.60 -1.47
N LEU B 290 3.64 -41.62 -2.33
CA LEU B 290 2.57 -40.69 -2.67
C LEU B 290 1.48 -41.36 -3.47
N VAL B 291 1.87 -42.02 -4.55
CA VAL B 291 0.93 -42.71 -5.42
C VAL B 291 0.12 -43.75 -4.65
N GLU B 292 0.77 -44.45 -3.73
CA GLU B 292 0.07 -45.44 -2.92
C GLU B 292 -0.99 -44.80 -2.04
N ARG B 293 -0.65 -43.67 -1.43
CA ARG B 293 -1.60 -43.01 -0.54
C ARG B 293 -2.74 -42.36 -1.31
N VAL B 294 -2.44 -41.84 -2.50
CA VAL B 294 -3.48 -41.31 -3.37
C VAL B 294 -4.47 -42.40 -3.76
N LYS B 295 -3.96 -43.57 -4.12
CA LYS B 295 -4.79 -44.70 -4.54
C LYS B 295 -5.63 -45.23 -3.37
N THR B 296 -5.07 -45.16 -2.18
CA THR B 296 -5.74 -45.67 -0.99
C THR B 296 -6.78 -44.68 -0.46
N GLU B 297 -6.41 -43.42 -0.36
CA GLU B 297 -7.25 -42.43 0.31
C GLU B 297 -8.14 -41.66 -0.65
N LEU B 298 -7.75 -41.58 -1.91
CA LEU B 298 -8.53 -40.82 -2.90
C LEU B 298 -8.92 -41.63 -4.13
N PRO B 299 -9.64 -42.75 -3.93
CA PRO B 299 -9.90 -43.62 -5.08
C PRO B 299 -11.04 -43.14 -5.99
N GLU B 300 -11.95 -42.32 -5.48
CA GLU B 300 -13.11 -41.92 -6.26
C GLU B 300 -12.81 -40.71 -7.13
N ILE B 301 -13.52 -40.62 -8.25
CA ILE B 301 -13.29 -39.56 -9.23
C ILE B 301 -13.61 -38.19 -8.65
N ASN B 302 -14.41 -38.15 -7.59
CA ASN B 302 -14.77 -36.90 -6.93
C ASN B 302 -14.27 -36.85 -5.49
N SER B 303 -13.25 -37.65 -5.19
CA SER B 303 -12.66 -37.70 -3.85
C SER B 303 -12.18 -36.35 -3.34
N THR B 304 -11.63 -35.51 -4.21
CA THR B 304 -11.06 -34.23 -3.78
C THR B 304 -12.13 -33.16 -3.57
N GLY B 305 -13.27 -33.32 -4.23
CA GLY B 305 -14.33 -32.33 -4.19
C GLY B 305 -14.82 -32.03 -5.59
N LYS B 306 -15.28 -30.80 -5.82
CA LYS B 306 -15.68 -30.39 -7.16
C LYS B 306 -14.86 -29.21 -7.63
N LEU B 307 -14.52 -29.20 -8.92
CA LEU B 307 -14.02 -28.00 -9.58
C LEU B 307 -15.19 -27.04 -9.69
N VAL B 308 -14.93 -25.74 -9.69
CA VAL B 308 -16.00 -24.76 -9.56
C VAL B 308 -16.93 -24.76 -10.78
N THR B 309 -16.38 -25.00 -11.97
CA THR B 309 -17.18 -25.03 -13.18
C THR B 309 -16.81 -26.20 -14.08
N GLU B 310 -17.72 -26.55 -14.97
CA GLU B 310 -17.44 -27.56 -15.98
C GLU B 310 -16.30 -27.12 -16.88
N ARG B 311 -16.22 -25.80 -17.10
CA ARG B 311 -15.18 -25.23 -17.94
C ARG B 311 -13.79 -25.51 -17.38
N GLN B 312 -13.66 -25.43 -16.06
CA GLN B 312 -12.39 -25.66 -15.40
C GLN B 312 -11.95 -27.10 -15.53
N VAL B 313 -12.90 -28.03 -15.51
CA VAL B 313 -12.55 -29.43 -15.70
C VAL B 313 -12.03 -29.63 -17.11
N GLN B 314 -12.71 -29.05 -18.09
CA GLN B 314 -12.28 -29.14 -19.48
C GLN B 314 -10.91 -28.49 -19.70
N ARG B 315 -10.65 -27.37 -19.01
CA ARG B 315 -9.35 -26.72 -19.09
C ARG B 315 -8.25 -27.67 -18.63
N LEU B 316 -8.50 -28.32 -17.50
CA LEU B 316 -7.52 -29.22 -16.90
C LEU B 316 -7.32 -30.47 -17.74
N VAL B 317 -8.38 -30.96 -18.36
CA VAL B 317 -8.30 -32.16 -19.18
C VAL B 317 -7.42 -31.90 -20.41
N SER B 318 -7.58 -30.73 -21.01
CA SER B 318 -6.77 -30.35 -22.17
C SER B 318 -5.28 -30.31 -21.81
N LEU B 319 -4.98 -29.74 -20.65
CA LEU B 319 -3.61 -29.71 -20.15
C LEU B 319 -3.05 -31.14 -20.02
N LEU B 320 -3.85 -32.03 -19.44
CA LEU B 320 -3.45 -33.43 -19.31
C LEU B 320 -3.26 -34.10 -20.66
N GLU B 321 -4.09 -33.74 -21.63
CA GLU B 321 -3.97 -34.30 -22.97
C GLU B 321 -2.71 -33.78 -23.67
N ALA B 322 -2.18 -32.65 -23.21
CA ALA B 322 -1.07 -32.00 -23.89
C ALA B 322 0.27 -32.25 -23.21
N THR B 323 0.25 -32.70 -21.97
CA THR B 323 1.48 -32.87 -21.20
C THR B 323 2.41 -33.93 -21.79
N GLN B 324 3.71 -33.72 -21.62
CA GLN B 324 4.71 -34.67 -22.06
C GLN B 324 5.08 -35.58 -20.90
N GLY B 325 4.53 -35.28 -19.73
CA GLY B 325 4.83 -36.06 -18.55
C GLY B 325 4.12 -37.40 -18.57
N GLN B 326 4.37 -38.21 -17.55
CA GLN B 326 3.72 -39.50 -17.42
C GLN B 326 2.75 -39.52 -16.25
N VAL B 327 1.51 -39.89 -16.52
CA VAL B 327 0.53 -40.04 -15.45
C VAL B 327 0.85 -41.28 -14.64
N LEU B 328 0.90 -41.11 -13.32
CA LEU B 328 1.18 -42.21 -12.41
C LEU B 328 -0.11 -42.69 -11.75
N VAL B 329 -1.06 -41.78 -11.61
CA VAL B 329 -2.35 -42.10 -11.01
C VAL B 329 -3.34 -41.01 -11.38
N GLY B 330 -4.60 -41.37 -11.55
CA GLY B 330 -5.66 -40.40 -11.79
C GLY B 330 -5.86 -40.04 -13.24
N SER B 331 -6.15 -38.76 -13.48
CA SER B 331 -6.45 -38.22 -14.80
C SER B 331 -7.79 -38.72 -15.34
N GLN B 332 -8.67 -39.14 -14.44
CA GLN B 332 -10.01 -39.53 -14.84
C GLN B 332 -10.96 -38.36 -14.56
N ALA B 333 -11.73 -37.98 -15.57
CA ALA B 333 -12.57 -36.80 -15.43
C ALA B 333 -14.05 -37.06 -15.75
N ASP B 334 -14.91 -36.38 -15.02
CA ASP B 334 -16.35 -36.33 -15.29
C ASP B 334 -16.79 -34.87 -15.27
N VAL B 335 -16.89 -34.27 -16.46
CA VAL B 335 -17.18 -32.85 -16.59
C VAL B 335 -18.50 -32.47 -15.96
N SER B 336 -19.55 -33.23 -16.27
CA SER B 336 -20.88 -32.94 -15.76
C SER B 336 -20.93 -33.04 -14.23
N LYS B 337 -20.07 -33.87 -13.66
CA LYS B 337 -19.95 -33.97 -12.22
C LYS B 337 -19.01 -32.91 -11.66
N ARG B 338 -18.37 -32.16 -12.55
CA ARG B 338 -17.33 -31.21 -12.17
C ARG B 338 -16.26 -31.92 -11.35
N ALA B 339 -15.80 -33.07 -11.84
CA ALA B 339 -14.85 -33.89 -11.11
C ALA B 339 -13.60 -34.22 -11.93
N LEU B 340 -12.47 -34.21 -11.24
CA LEU B 340 -11.22 -34.70 -11.81
C LEU B 340 -10.48 -35.42 -10.70
N SER B 341 -10.10 -36.66 -10.96
CA SER B 341 -9.44 -37.48 -9.94
C SER B 341 -8.08 -36.90 -9.57
N ALA B 342 -7.62 -37.23 -8.36
CA ALA B 342 -6.31 -36.80 -7.90
C ALA B 342 -5.23 -37.36 -8.84
N THR B 343 -4.40 -36.48 -9.37
CA THR B 343 -3.50 -36.85 -10.45
C THR B 343 -2.06 -36.49 -10.13
N VAL B 344 -1.14 -37.41 -10.43
CA VAL B 344 0.28 -37.16 -10.30
C VAL B 344 0.95 -37.39 -11.65
N VAL B 345 1.71 -36.40 -12.11
CA VAL B 345 2.37 -36.49 -13.41
C VAL B 345 3.88 -36.36 -13.27
N ASP B 346 4.57 -37.43 -13.62
CA ASP B 346 6.02 -37.53 -13.51
C ASP B 346 6.71 -37.04 -14.78
N GLY B 347 8.01 -36.81 -14.70
CA GLY B 347 8.82 -36.49 -15.87
C GLY B 347 8.48 -35.18 -16.56
N VAL B 348 8.10 -34.19 -15.77
CA VAL B 348 7.69 -32.89 -16.29
C VAL B 348 8.88 -31.92 -16.36
N GLU B 349 8.96 -31.15 -17.45
CA GLU B 349 9.96 -30.10 -17.59
C GLU B 349 9.30 -28.74 -17.42
N TRP B 350 10.11 -27.68 -17.27
CA TRP B 350 9.57 -26.33 -17.17
C TRP B 350 8.87 -25.95 -18.47
N ASN B 351 9.24 -26.67 -19.52
CA ASN B 351 8.68 -26.54 -20.86
C ASN B 351 7.22 -26.95 -20.95
N ASP B 352 6.77 -27.76 -20.01
CA ASP B 352 5.51 -28.49 -20.12
C ASP B 352 4.28 -27.59 -20.03
N PRO B 353 3.19 -27.96 -20.74
CA PRO B 353 1.89 -27.31 -20.61
C PRO B 353 1.40 -27.21 -19.17
N LEU B 354 1.81 -28.14 -18.32
CA LEU B 354 1.40 -28.14 -16.92
C LEU B 354 2.17 -27.09 -16.12
N MET B 355 3.19 -26.50 -16.75
CA MET B 355 4.02 -25.52 -16.07
C MET B 355 3.89 -24.14 -16.68
N SER B 356 2.93 -23.98 -17.59
CA SER B 356 2.67 -22.69 -18.20
C SER B 356 1.94 -21.75 -17.24
N GLU B 357 0.89 -22.27 -16.60
CA GLU B 357 0.06 -21.43 -15.74
C GLU B 357 -0.22 -22.09 -14.39
N GLU B 358 -0.68 -21.29 -13.45
CA GLU B 358 -1.23 -21.80 -12.20
C GLU B 358 -2.27 -22.87 -12.53
N LEU B 359 -2.12 -24.04 -11.93
CA LEU B 359 -2.99 -25.17 -12.26
C LEU B 359 -4.41 -25.04 -11.67
N PHE B 360 -4.49 -24.76 -10.37
CA PHE B 360 -5.76 -24.70 -9.65
C PHE B 360 -6.63 -25.93 -9.94
N GLY B 361 -6.02 -27.09 -9.81
CA GLY B 361 -6.69 -28.36 -10.03
C GLY B 361 -5.93 -29.44 -9.31
N PRO B 362 -6.55 -30.62 -9.17
CA PRO B 362 -5.93 -31.73 -8.43
C PRO B 362 -4.86 -32.45 -9.24
N ILE B 363 -3.92 -31.68 -9.81
CA ILE B 363 -2.82 -32.24 -10.57
C ILE B 363 -1.48 -31.82 -9.99
N LEU B 364 -0.60 -32.79 -9.77
CA LEU B 364 0.73 -32.49 -9.25
C LEU B 364 1.83 -32.91 -10.22
N PRO B 365 2.35 -31.96 -10.98
CA PRO B 365 3.49 -32.21 -11.86
C PRO B 365 4.76 -32.35 -11.03
N VAL B 366 5.69 -33.18 -11.46
CA VAL B 366 6.89 -33.46 -10.68
C VAL B 366 8.16 -33.16 -11.48
N LEU B 367 8.94 -32.22 -11.00
CA LEU B 367 10.21 -31.85 -11.62
C LEU B 367 11.36 -32.27 -10.71
N GLU B 368 12.54 -32.45 -11.30
CA GLU B 368 13.71 -32.94 -10.56
C GLU B 368 14.89 -31.96 -10.57
N PHE B 369 15.67 -31.97 -9.50
CA PHE B 369 16.90 -31.19 -9.47
C PHE B 369 18.01 -31.96 -8.77
N ASP B 370 19.24 -31.49 -8.95
CA ASP B 370 20.37 -32.01 -8.19
C ASP B 370 20.98 -30.90 -7.36
N SER B 371 21.56 -29.91 -8.03
CA SER B 371 22.15 -28.77 -7.35
C SER B 371 21.07 -27.86 -6.76
N VAL B 372 21.22 -27.54 -5.49
CA VAL B 372 20.30 -26.62 -4.81
C VAL B 372 20.40 -25.22 -5.41
N ARG B 373 21.62 -24.80 -5.75
CA ARG B 373 21.82 -23.50 -6.39
C ARG B 373 21.07 -23.39 -7.70
N THR B 374 21.04 -24.49 -8.44
CA THR B 374 20.36 -24.50 -9.73
C THR B 374 18.86 -24.51 -9.55
N ALA B 375 18.40 -25.24 -8.55
CA ALA B 375 16.98 -25.32 -8.22
C ALA B 375 16.45 -23.92 -7.89
N ILE B 376 17.20 -23.19 -7.09
CA ILE B 376 16.86 -21.82 -6.74
C ILE B 376 16.73 -20.97 -8.00
N ASP B 377 17.74 -21.04 -8.87
CA ASP B 377 17.76 -20.26 -10.09
C ASP B 377 16.58 -20.59 -11.02
N GLN B 378 16.19 -21.86 -11.04
CA GLN B 378 15.13 -22.31 -11.93
C GLN B 378 13.78 -21.78 -11.48
N VAL B 379 13.55 -21.75 -10.17
CA VAL B 379 12.32 -21.20 -9.65
C VAL B 379 12.26 -19.72 -9.96
N ASN B 380 13.36 -19.02 -9.72
CA ASN B 380 13.41 -17.58 -9.95
C ASN B 380 13.26 -17.24 -11.42
N LYS B 381 13.78 -18.08 -12.31
CA LYS B 381 13.73 -17.80 -13.72
C LYS B 381 12.35 -18.04 -14.32
N HIS B 382 11.72 -19.14 -13.94
CA HIS B 382 10.50 -19.58 -14.61
C HIS B 382 9.21 -19.12 -13.92
N HIS B 383 9.16 -19.21 -12.59
CA HIS B 383 7.96 -18.75 -11.89
C HIS B 383 8.30 -18.03 -10.59
N PRO B 384 8.91 -16.85 -10.71
CA PRO B 384 9.36 -16.08 -9.55
C PRO B 384 8.21 -15.47 -8.75
N LYS B 385 8.51 -15.12 -7.51
CA LYS B 385 7.57 -14.46 -6.60
C LYS B 385 6.23 -15.17 -6.46
N PRO B 386 6.25 -16.45 -6.07
CA PRO B 386 4.97 -17.10 -5.79
C PRO B 386 4.42 -16.62 -4.46
N LEU B 387 3.16 -16.94 -4.18
CA LEU B 387 2.55 -16.53 -2.93
C LEU B 387 3.23 -17.19 -1.74
N ALA B 388 3.65 -18.44 -1.92
CA ALA B 388 4.39 -19.14 -0.88
C ALA B 388 5.44 -20.09 -1.44
N VAL B 389 6.55 -20.23 -0.73
CA VAL B 389 7.56 -21.21 -1.06
C VAL B 389 7.62 -22.25 0.05
N TYR B 390 7.57 -23.53 -0.32
CA TYR B 390 7.65 -24.61 0.66
C TYR B 390 8.93 -25.41 0.46
N VAL B 391 9.70 -25.60 1.53
CA VAL B 391 10.93 -26.39 1.48
C VAL B 391 10.87 -27.49 2.52
N PHE B 392 11.09 -28.72 2.09
CA PHE B 392 11.07 -29.86 3.00
C PHE B 392 12.46 -30.47 3.14
N GLY B 393 12.93 -30.53 4.39
CA GLY B 393 14.27 -31.03 4.66
C GLY B 393 14.61 -30.87 6.13
N LYS B 394 15.72 -31.47 6.56
CA LYS B 394 16.08 -31.44 7.97
C LYS B 394 17.25 -30.50 8.27
N ASP B 395 17.87 -29.97 7.22
CA ASP B 395 18.94 -29.00 7.41
C ASP B 395 18.39 -27.58 7.30
N MET B 396 18.25 -26.93 8.45
CA MET B 396 17.57 -25.65 8.51
C MET B 396 18.35 -24.55 7.80
N ASP B 397 19.67 -24.65 7.81
CA ASP B 397 20.50 -23.66 7.13
C ASP B 397 20.29 -23.73 5.63
N VAL B 398 20.29 -24.94 5.09
CA VAL B 398 20.02 -25.13 3.68
C VAL B 398 18.59 -24.71 3.34
N ALA B 399 17.64 -25.08 4.19
CA ALA B 399 16.23 -24.79 3.94
C ALA B 399 15.95 -23.29 4.00
N LYS B 400 16.38 -22.65 5.08
CA LYS B 400 16.23 -21.21 5.21
C LYS B 400 16.99 -20.46 4.11
N GLY B 401 18.12 -21.03 3.69
CA GLY B 401 18.94 -20.42 2.67
C GLY B 401 18.23 -20.38 1.32
N ILE B 402 17.47 -21.44 1.04
CA ILE B 402 16.65 -21.49 -0.17
C ILE B 402 15.56 -20.42 -0.11
N ILE B 403 14.90 -20.35 1.03
CA ILE B 403 13.84 -19.37 1.26
C ILE B 403 14.36 -17.94 1.13
N ASN B 404 15.54 -17.67 1.68
CA ASN B 404 16.10 -16.33 1.62
C ASN B 404 16.57 -15.92 0.23
N GLN B 405 16.66 -16.89 -0.68
CA GLN B 405 17.11 -16.58 -2.03
C GLN B 405 16.01 -16.72 -3.06
N ILE B 406 14.78 -16.93 -2.57
CA ILE B 406 13.62 -16.90 -3.45
C ILE B 406 12.59 -15.94 -2.89
N GLN B 407 12.45 -14.78 -3.52
CA GLN B 407 11.41 -13.84 -3.14
C GLN B 407 10.05 -14.49 -3.29
N SER B 408 9.27 -14.41 -2.22
CA SER B 408 7.91 -14.94 -2.25
C SER B 408 7.10 -14.22 -1.19
N GLY B 409 5.79 -14.36 -1.25
CA GLY B 409 4.92 -13.71 -0.29
C GLY B 409 5.18 -14.17 1.12
N ASP B 410 5.19 -15.49 1.30
CA ASP B 410 5.46 -16.12 2.59
C ASP B 410 6.22 -17.41 2.32
N ALA B 411 6.62 -18.13 3.37
CA ALA B 411 7.34 -19.38 3.18
C ALA B 411 7.24 -20.30 4.38
N GLN B 412 7.44 -21.59 4.14
CA GLN B 412 7.46 -22.58 5.21
C GLN B 412 8.57 -23.60 5.02
N VAL B 413 9.08 -24.13 6.14
CA VAL B 413 9.93 -25.31 6.11
C VAL B 413 9.22 -26.48 6.78
N ASN B 414 9.02 -27.56 6.03
CA ASN B 414 8.37 -28.79 6.50
C ASN B 414 6.91 -28.60 6.86
N GLY B 415 6.27 -27.63 6.22
CA GLY B 415 4.87 -27.35 6.47
C GLY B 415 4.21 -26.77 5.25
N VAL B 416 2.88 -26.76 5.28
CA VAL B 416 2.11 -26.31 4.14
C VAL B 416 0.85 -25.59 4.65
N MET B 417 0.52 -24.48 4.00
CA MET B 417 -0.75 -23.78 4.15
C MET B 417 -1.04 -23.11 5.50
N LEU B 418 -0.65 -23.73 6.61
CA LEU B 418 -1.12 -23.31 7.93
C LEU B 418 -0.61 -21.94 8.39
N HIS B 419 0.26 -21.30 7.62
CA HIS B 419 0.71 -19.96 7.98
C HIS B 419 -0.42 -18.95 7.79
N ALA B 420 -1.36 -19.28 6.91
CA ALA B 420 -2.51 -18.41 6.64
C ALA B 420 -3.56 -18.49 7.75
N PHE B 421 -3.38 -19.40 8.70
CA PHE B 421 -4.35 -19.57 9.76
C PHE B 421 -3.81 -19.05 11.09
N SER B 422 -2.73 -18.28 11.03
CA SER B 422 -2.19 -17.65 12.22
C SER B 422 -2.46 -16.16 12.21
N PRO B 423 -3.02 -15.64 13.30
CA PRO B 423 -3.33 -14.20 13.40
C PRO B 423 -2.08 -13.37 13.64
N TYR B 424 -0.95 -14.04 13.87
CA TYR B 424 0.29 -13.37 14.18
C TYR B 424 1.15 -13.19 12.94
N LEU B 425 0.72 -13.74 11.83
CA LEU B 425 1.51 -13.70 10.60
C LEU B 425 0.83 -12.89 9.52
N PRO B 426 1.59 -12.00 8.88
CA PRO B 426 1.09 -11.15 7.79
C PRO B 426 0.96 -11.92 6.48
N PHE B 427 -0.26 -12.26 6.11
CA PHE B 427 -0.50 -13.02 4.90
C PHE B 427 -0.62 -12.14 3.67
N GLY B 428 0.26 -12.37 2.70
CA GLY B 428 0.25 -11.58 1.47
C GLY B 428 1.40 -11.89 0.55
N GLY B 429 1.26 -11.48 -0.71
CA GLY B 429 2.23 -11.82 -1.72
C GLY B 429 3.22 -10.72 -2.05
N ILE B 430 3.91 -10.89 -3.17
CA ILE B 430 4.86 -9.92 -3.67
C ILE B 430 4.87 -10.01 -5.19
N GLY B 431 5.00 -8.88 -5.87
CA GLY B 431 4.98 -8.86 -7.32
C GLY B 431 3.71 -9.48 -7.88
N ALA B 432 3.87 -10.51 -8.71
CA ALA B 432 2.72 -11.10 -9.39
C ALA B 432 1.80 -11.85 -8.43
N SER B 433 2.27 -12.15 -7.21
CA SER B 433 1.41 -12.83 -6.26
C SER B 433 0.72 -11.84 -5.33
N GLY B 434 1.00 -10.55 -5.51
CA GLY B 434 0.20 -9.53 -4.87
C GLY B 434 0.93 -8.40 -4.15
N MET B 435 0.14 -7.51 -3.55
CA MET B 435 0.68 -6.43 -2.73
C MET B 435 -0.18 -6.20 -1.50
N GLY B 436 0.46 -5.98 -0.36
CA GLY B 436 -0.25 -5.78 0.88
C GLY B 436 -0.41 -7.07 1.66
N GLU B 437 -0.62 -6.94 2.97
CA GLU B 437 -0.82 -8.11 3.83
C GLU B 437 -2.01 -7.89 4.77
N TYR B 438 -2.61 -8.98 5.24
CA TYR B 438 -3.58 -8.88 6.31
C TYR B 438 -3.55 -10.10 7.22
N HIS B 439 -4.58 -10.16 8.08
CA HIS B 439 -4.76 -11.07 9.24
C HIS B 439 -4.25 -10.39 10.50
N GLY B 440 -4.94 -10.65 11.60
CA GLY B 440 -4.60 -10.07 12.88
C GLY B 440 -4.45 -8.56 12.86
N HIS B 441 -3.47 -8.07 13.61
CA HIS B 441 -3.18 -6.64 13.67
C HIS B 441 -2.96 -6.06 12.28
N PHE B 442 -2.43 -6.87 11.37
CA PHE B 442 -2.11 -6.39 10.03
C PHE B 442 -3.34 -5.99 9.22
N SER B 443 -4.48 -6.62 9.50
CA SER B 443 -5.74 -6.23 8.87
C SER B 443 -6.16 -4.83 9.30
N TYR B 444 -5.98 -4.54 10.58
CA TYR B 444 -6.27 -3.22 11.12
C TYR B 444 -5.39 -2.15 10.47
N LEU B 445 -4.09 -2.41 10.41
CA LEU B 445 -3.14 -1.50 9.80
C LEU B 445 -3.38 -1.36 8.30
N THR B 446 -3.87 -2.41 7.67
CA THR B 446 -4.17 -2.40 6.25
C THR B 446 -5.44 -1.59 5.92
N PHE B 447 -6.40 -1.61 6.84
CA PHE B 447 -7.65 -0.89 6.57
C PHE B 447 -7.70 0.47 7.24
N THR B 448 -6.53 0.99 7.63
CA THR B 448 -6.42 2.37 8.08
C THR B 448 -5.18 3.02 7.44
N HIS B 449 -5.04 4.33 7.60
CA HIS B 449 -3.83 5.03 7.20
C HIS B 449 -3.24 5.70 8.43
N LYS B 450 -1.92 5.87 8.44
CA LYS B 450 -1.26 6.49 9.58
C LYS B 450 -1.37 8.01 9.50
N LYS B 451 -1.81 8.61 10.60
CA LYS B 451 -2.03 10.04 10.68
C LYS B 451 -1.17 10.63 11.79
N SER B 452 -0.15 11.40 11.42
CA SER B 452 0.71 12.05 12.41
C SER B 452 0.03 13.28 12.99
N VAL B 453 0.16 13.46 14.29
CA VAL B 453 -0.40 14.61 14.97
C VAL B 453 0.66 15.29 15.82
N ARG B 454 0.87 16.58 15.60
CA ARG B 454 1.84 17.33 16.41
C ARG B 454 1.14 18.43 17.19
N ILE B 455 1.30 18.40 18.50
CA ILE B 455 0.63 19.35 19.37
C ILE B 455 1.60 20.36 19.96
N VAL B 456 1.48 21.62 19.52
CA VAL B 456 2.29 22.71 20.05
C VAL B 456 1.48 23.47 21.10
N PRO B 457 2.08 23.73 22.27
CA PRO B 457 1.38 24.49 23.31
C PRO B 457 1.03 25.91 22.85
#